data_7PRU
#
_entry.id   7PRU
#
_cell.length_a   1.00
_cell.length_b   1.00
_cell.length_c   1.00
_cell.angle_alpha   90.00
_cell.angle_beta   90.00
_cell.angle_gamma   90.00
#
_symmetry.space_group_name_H-M   'P 1'
#
loop_
_entity.id
_entity.type
_entity.pdbx_description
1 polymer 'Putative iron-sulfur protein'
2 non-polymer GLUTATHIONE
#
_entity_poly.entity_id   1
_entity_poly.type   'polypeptide(L)'
_entity_poly.pdbx_seq_one_letter_code
;MSPRSRLLASSLRGGLLLRPCSARRSTLLNPSPSPLRKAIFHTTSLRAFKNLAEIATSSKEDASSLKPKGKPSPPGDPLA
TIEKTAAEQRRADWAIIKQMSRYLWPKDSWSDKARVLLALSLLVGGKVLNVHVPFYFREIIDRLNIDVAAVGGTVSAVAG
AVIFAYGASRIGAVVSQELRNAVFSSVAQKAIRRVATQTFGHLLNLDLSFHLSKQTGGLTRAIDRGTKGISYLLTSMVFH
IVPTALEIGMVCGILTYQFGWEFAAITAATMAAYTAFTITTTAWRTKFRRQANAADNAASTVAVDSLINYEAVKYFNNEA
YEIARYDKALQAYERSSIKVATSLAFLNSGQNIIFSSALTLMMWLGARGVLAGDLSVGDLVLINQLVFQLSVPLNFLGSV
YRELRQSLLDMETLFDLQKVNVTIREAPNAKPLALPKGGEIRFENVTFGYYPDRPILRNLSLTIPAGKKVAVVGPSGCGK
STLLRLLFRSYDPQQGKIFIDDQDIKSVTLESLRKSIGVVPQDTPLFNDTVELNIRYGNVNATQEQVIAAAQKAHIHEKI
ISWPHGYQTRVGERGLMISGGEKQRLAVSRLILKDPPLLFFDQATSALDTHTEQALMANINEVVKEKKRTALFVAHRLRT
IYDADLIIVLKEGVVVEQGSHRELMERDGVYAELWMAQEMLHQGEAAEEPAEGEKAEEKK
;
_entity_poly.pdbx_strand_id   A,B
#
loop_
_chem_comp.id
_chem_comp.type
_chem_comp.name
_chem_comp.formula
GSH non-polymer GLUTATHIONE 'C10 H17 N3 O6 S'
#
# COMPACT_ATOMS: atom_id res chain seq x y z
N ALA A 95 -6.94 -7.28 -27.22
CA ALA A 95 -7.71 -7.35 -25.99
C ALA A 95 -8.63 -8.56 -25.98
N ILE A 96 -8.89 -9.11 -27.18
CA ILE A 96 -9.77 -10.26 -27.29
C ILE A 96 -8.96 -11.56 -27.20
N ILE A 97 -7.65 -11.47 -27.45
CA ILE A 97 -6.79 -12.65 -27.37
C ILE A 97 -6.67 -13.14 -25.93
N LYS A 98 -6.56 -12.20 -24.99
CA LYS A 98 -6.53 -12.58 -23.57
C LYS A 98 -7.84 -13.20 -23.15
N GLN A 99 -8.95 -12.68 -23.68
CA GLN A 99 -10.25 -13.26 -23.39
C GLN A 99 -10.36 -14.67 -23.97
N MET A 100 -9.75 -14.91 -25.13
CA MET A 100 -9.73 -16.27 -25.67
C MET A 100 -8.95 -17.21 -24.74
N SER A 101 -7.75 -16.79 -24.33
CA SER A 101 -6.91 -17.67 -23.50
C SER A 101 -7.58 -17.99 -22.17
N ARG A 102 -8.18 -16.98 -21.54
CA ARG A 102 -8.72 -17.19 -20.20
C ARG A 102 -10.18 -17.64 -20.27
N TYR A 103 -10.76 -17.71 -21.47
CA TYR A 103 -11.91 -18.57 -21.61
C TYR A 103 -11.49 -20.03 -21.72
N LEU A 104 -10.40 -20.28 -22.46
CA LEU A 104 -9.98 -21.65 -22.72
C LEU A 104 -9.54 -22.36 -21.45
N TRP A 105 -8.78 -21.69 -20.58
CA TRP A 105 -8.08 -22.43 -19.54
C TRP A 105 -8.97 -22.97 -18.42
N PRO A 106 -9.91 -22.19 -17.80
CA PRO A 106 -10.64 -22.77 -16.66
C PRO A 106 -11.66 -23.83 -17.06
N LYS A 107 -11.23 -25.10 -16.92
CA LYS A 107 -11.96 -26.34 -17.20
C LYS A 107 -11.13 -27.49 -16.65
N ASP A 108 -11.45 -28.71 -17.09
CA ASP A 108 -10.62 -29.92 -17.09
C ASP A 108 -10.57 -30.64 -15.75
N SER A 109 -11.23 -30.13 -14.72
CA SER A 109 -11.51 -30.91 -13.52
C SER A 109 -12.98 -31.31 -13.55
N TRP A 110 -13.36 -32.26 -12.70
CA TRP A 110 -14.74 -32.70 -12.75
C TRP A 110 -15.65 -31.86 -11.84
N SER A 111 -15.24 -31.60 -10.61
CA SER A 111 -16.07 -30.76 -9.75
C SER A 111 -16.04 -29.32 -10.23
N ASP A 112 -14.92 -28.88 -10.81
CA ASP A 112 -14.85 -27.59 -11.47
C ASP A 112 -15.88 -27.48 -12.58
N LYS A 113 -15.92 -28.45 -13.48
CA LYS A 113 -16.86 -28.34 -14.59
C LYS A 113 -18.29 -28.56 -14.11
N ALA A 114 -18.47 -29.33 -13.04
CA ALA A 114 -19.78 -29.49 -12.46
C ALA A 114 -20.31 -28.16 -11.94
N ARG A 115 -19.50 -27.42 -11.20
CA ARG A 115 -20.04 -26.20 -10.63
C ARG A 115 -20.02 -25.06 -11.64
N VAL A 116 -19.28 -25.18 -12.74
CA VAL A 116 -19.47 -24.15 -13.76
C VAL A 116 -20.72 -24.44 -14.59
N LEU A 117 -21.09 -25.72 -14.72
CA LEU A 117 -22.41 -26.03 -15.27
C LEU A 117 -23.51 -25.50 -14.37
N LEU A 118 -23.36 -25.65 -13.06
CA LEU A 118 -24.36 -25.14 -12.14
C LEU A 118 -24.42 -23.62 -12.19
N ALA A 119 -23.28 -22.96 -12.33
CA ALA A 119 -23.28 -21.50 -12.47
C ALA A 119 -24.00 -21.06 -13.74
N LEU A 120 -23.75 -21.74 -14.86
CA LEU A 120 -24.44 -21.35 -16.08
C LEU A 120 -25.93 -21.66 -16.02
N SER A 121 -26.30 -22.79 -15.43
CA SER A 121 -27.70 -23.11 -15.25
C SER A 121 -28.42 -22.09 -14.41
N LEU A 122 -27.82 -21.64 -13.31
CA LEU A 122 -28.42 -20.59 -12.50
C LEU A 122 -28.40 -19.24 -13.20
N LEU A 123 -27.43 -18.98 -14.08
CA LEU A 123 -27.46 -17.76 -14.86
C LEU A 123 -28.70 -17.71 -15.73
N VAL A 124 -28.94 -18.77 -16.50
CA VAL A 124 -30.07 -18.77 -17.43
C VAL A 124 -31.40 -18.84 -16.68
N GLY A 125 -31.46 -19.65 -15.62
CA GLY A 125 -32.66 -19.68 -14.81
C GLY A 125 -32.94 -18.37 -14.13
N GLY A 126 -31.90 -17.66 -13.71
CA GLY A 126 -32.09 -16.37 -13.09
C GLY A 126 -32.62 -15.34 -14.04
N LYS A 127 -32.11 -15.33 -15.28
CA LYS A 127 -32.63 -14.36 -16.22
C LYS A 127 -34.05 -14.70 -16.67
N VAL A 128 -34.39 -16.00 -16.71
CA VAL A 128 -35.76 -16.39 -17.03
C VAL A 128 -36.72 -15.95 -15.92
N LEU A 129 -36.37 -16.25 -14.67
CA LEU A 129 -37.21 -15.84 -13.56
C LEU A 129 -37.22 -14.33 -13.40
N ASN A 130 -36.20 -13.65 -13.91
CA ASN A 130 -36.20 -12.20 -13.87
C ASN A 130 -37.17 -11.61 -14.86
N VAL A 131 -37.21 -12.17 -16.07
CA VAL A 131 -38.09 -11.61 -17.07
C VAL A 131 -39.54 -12.03 -16.82
N HIS A 132 -39.75 -13.09 -16.03
CA HIS A 132 -41.13 -13.42 -15.69
C HIS A 132 -41.74 -12.51 -14.64
N VAL A 133 -40.97 -11.62 -14.01
CA VAL A 133 -41.57 -10.71 -13.04
C VAL A 133 -42.50 -9.70 -13.71
N PRO A 134 -42.10 -8.98 -14.77
CA PRO A 134 -43.06 -8.08 -15.41
C PRO A 134 -44.25 -8.78 -16.03
N PHE A 135 -44.13 -10.04 -16.44
CA PHE A 135 -45.29 -10.72 -16.99
C PHE A 135 -46.29 -11.08 -15.90
N TYR A 136 -45.82 -11.47 -14.72
CA TYR A 136 -46.77 -11.69 -13.64
C TYR A 136 -47.33 -10.38 -13.12
N PHE A 137 -46.59 -9.30 -13.24
CA PHE A 137 -47.14 -8.00 -12.86
C PHE A 137 -48.19 -7.56 -13.85
N ARG A 138 -47.99 -7.86 -15.14
CA ARG A 138 -49.02 -7.67 -16.14
C ARG A 138 -50.26 -8.48 -15.82
N GLU A 139 -50.09 -9.72 -15.37
CA GLU A 139 -51.26 -10.55 -15.07
C GLU A 139 -52.00 -10.06 -13.84
N ILE A 140 -51.28 -9.58 -12.82
CA ILE A 140 -51.94 -9.02 -11.65
C ILE A 140 -52.73 -7.78 -12.04
N ILE A 141 -52.13 -6.91 -12.86
CA ILE A 141 -52.84 -5.71 -13.30
C ILE A 141 -54.07 -6.09 -14.12
N ASP A 142 -53.91 -6.99 -15.07
CA ASP A 142 -54.95 -7.30 -16.02
C ASP A 142 -56.01 -8.25 -15.49
N ARG A 143 -55.80 -8.85 -14.33
CA ARG A 143 -56.83 -9.67 -13.74
C ARG A 143 -57.69 -8.90 -12.77
N LEU A 144 -57.19 -7.79 -12.24
CA LEU A 144 -57.98 -6.92 -11.39
C LEU A 144 -58.53 -5.73 -12.16
N ASN A 145 -58.32 -5.66 -13.47
CA ASN A 145 -58.87 -4.60 -14.29
C ASN A 145 -60.26 -4.92 -14.80
N ILE A 146 -60.82 -6.05 -14.40
CA ILE A 146 -62.20 -6.37 -14.71
C ILE A 146 -63.08 -5.40 -13.95
N ASP A 147 -64.28 -5.14 -14.48
CA ASP A 147 -65.25 -4.36 -13.73
C ASP A 147 -65.69 -5.14 -12.49
N VAL A 148 -65.79 -4.45 -11.35
CA VAL A 148 -66.10 -5.16 -10.11
C VAL A 148 -67.56 -5.61 -10.10
N ALA A 149 -68.36 -5.12 -11.06
CA ALA A 149 -69.70 -5.66 -11.25
C ALA A 149 -69.65 -7.09 -11.78
N ALA A 150 -68.49 -7.53 -12.26
CA ALA A 150 -68.29 -8.92 -12.63
C ALA A 150 -68.02 -9.74 -11.38
N VAL A 151 -67.48 -10.95 -11.57
CA VAL A 151 -67.35 -12.00 -10.56
C VAL A 151 -66.92 -11.50 -9.18
N GLY A 152 -65.95 -10.59 -9.13
CA GLY A 152 -65.45 -10.09 -7.86
C GLY A 152 -64.90 -11.20 -6.99
N GLY A 153 -65.21 -11.13 -5.71
CA GLY A 153 -64.89 -12.21 -4.81
C GLY A 153 -63.57 -11.96 -4.12
N THR A 154 -62.96 -13.03 -3.64
CA THR A 154 -61.73 -12.98 -2.88
C THR A 154 -60.55 -12.76 -3.80
N VAL A 155 -59.44 -12.29 -3.23
CA VAL A 155 -58.21 -12.13 -4.01
C VAL A 155 -57.66 -13.49 -4.39
N SER A 156 -57.84 -14.51 -3.55
CA SER A 156 -57.36 -15.85 -3.86
C SER A 156 -57.97 -16.37 -5.14
N ALA A 157 -59.26 -16.12 -5.35
CA ALA A 157 -59.93 -16.61 -6.55
C ALA A 157 -59.53 -15.79 -7.77
N VAL A 158 -59.48 -14.47 -7.65
CA VAL A 158 -59.23 -13.64 -8.81
C VAL A 158 -57.78 -13.71 -9.22
N ALA A 159 -56.89 -13.20 -8.36
CA ALA A 159 -55.47 -13.23 -8.66
C ALA A 159 -54.68 -13.48 -7.38
N GLY A 160 -54.43 -14.74 -7.05
CA GLY A 160 -53.59 -15.06 -5.93
C GLY A 160 -52.42 -15.86 -6.43
N ALA A 161 -52.68 -16.66 -7.45
CA ALA A 161 -51.63 -17.41 -8.10
C ALA A 161 -50.58 -16.48 -8.69
N VAL A 162 -51.02 -15.40 -9.36
CA VAL A 162 -50.05 -14.54 -10.01
C VAL A 162 -49.40 -13.59 -9.03
N ILE A 163 -50.04 -13.30 -7.91
CA ILE A 163 -49.35 -12.51 -6.88
C ILE A 163 -48.24 -13.32 -6.24
N PHE A 164 -48.53 -14.57 -5.86
CA PHE A 164 -47.49 -15.44 -5.34
C PHE A 164 -46.42 -15.71 -6.39
N ALA A 165 -46.80 -15.76 -7.66
CA ALA A 165 -45.81 -15.97 -8.69
C ALA A 165 -44.95 -14.74 -8.91
N TYR A 166 -45.51 -13.54 -8.71
CA TYR A 166 -44.69 -12.33 -8.75
C TYR A 166 -43.66 -12.35 -7.63
N GLY A 167 -44.10 -12.69 -6.42
CA GLY A 167 -43.16 -12.78 -5.32
C GLY A 167 -42.09 -13.83 -5.53
N ALA A 168 -42.51 -15.02 -5.99
CA ALA A 168 -41.56 -16.10 -6.20
C ALA A 168 -40.61 -15.78 -7.34
N SER A 169 -41.08 -15.12 -8.39
CA SER A 169 -40.19 -14.78 -9.48
C SER A 169 -39.16 -13.74 -9.06
N ARG A 170 -39.55 -12.75 -8.25
CA ARG A 170 -38.55 -11.80 -7.76
C ARG A 170 -37.51 -12.49 -6.87
N ILE A 171 -37.98 -13.27 -5.89
CA ILE A 171 -37.08 -13.94 -4.96
C ILE A 171 -36.17 -14.91 -5.71
N GLY A 172 -36.73 -15.71 -6.62
CA GLY A 172 -35.91 -16.66 -7.35
C GLY A 172 -34.94 -15.99 -8.28
N ALA A 173 -35.33 -14.87 -8.88
CA ALA A 173 -34.47 -14.20 -9.83
C ALA A 173 -33.31 -13.51 -9.16
N VAL A 174 -33.40 -13.21 -7.87
CA VAL A 174 -32.23 -12.70 -7.18
C VAL A 174 -31.45 -13.78 -6.44
N VAL A 175 -32.11 -14.82 -5.95
CA VAL A 175 -31.40 -15.93 -5.35
C VAL A 175 -30.59 -16.69 -6.39
N SER A 176 -31.05 -16.74 -7.63
CA SER A 176 -30.25 -17.36 -8.69
C SER A 176 -29.02 -16.52 -9.02
N GLN A 177 -29.16 -15.19 -9.00
CA GLN A 177 -28.00 -14.33 -9.14
C GLN A 177 -26.98 -14.61 -8.04
N GLU A 178 -27.45 -14.63 -6.80
CA GLU A 178 -26.49 -14.75 -5.71
C GLU A 178 -25.90 -16.15 -5.66
N LEU A 179 -26.66 -17.15 -6.09
CA LEU A 179 -26.11 -18.49 -6.11
C LEU A 179 -25.14 -18.69 -7.28
N ARG A 180 -25.35 -18.03 -8.42
CA ARG A 180 -24.34 -18.19 -9.46
C ARG A 180 -23.07 -17.46 -9.06
N ASN A 181 -23.18 -16.38 -8.29
CA ASN A 181 -21.96 -15.72 -7.83
C ASN A 181 -21.24 -16.59 -6.81
N ALA A 182 -21.96 -17.12 -5.83
CA ALA A 182 -21.34 -17.94 -4.81
C ALA A 182 -20.76 -19.22 -5.40
N VAL A 183 -21.31 -19.69 -6.51
CA VAL A 183 -20.80 -20.94 -7.09
C VAL A 183 -19.64 -20.68 -8.04
N PHE A 184 -19.69 -19.62 -8.83
CA PHE A 184 -18.57 -19.34 -9.71
C PHE A 184 -17.38 -18.72 -9.00
N SER A 185 -17.56 -18.23 -7.77
CA SER A 185 -16.41 -17.68 -7.06
C SER A 185 -15.43 -18.78 -6.68
N SER A 186 -15.92 -20.00 -6.41
CA SER A 186 -15.01 -21.10 -6.15
C SER A 186 -14.12 -21.39 -7.36
N VAL A 187 -14.72 -21.41 -8.54
CA VAL A 187 -13.96 -21.65 -9.77
C VAL A 187 -12.93 -20.56 -9.99
N ALA A 188 -13.34 -19.30 -9.81
CA ALA A 188 -12.41 -18.20 -10.01
C ALA A 188 -11.23 -18.29 -9.05
N GLN A 189 -11.50 -18.53 -7.76
CA GLN A 189 -10.41 -18.54 -6.78
C GLN A 189 -9.47 -19.73 -6.99
N LYS A 190 -9.99 -20.89 -7.35
CA LYS A 190 -9.09 -22.02 -7.57
C LYS A 190 -8.22 -21.80 -8.80
N ALA A 191 -8.78 -21.21 -9.86
CA ALA A 191 -7.96 -20.88 -11.02
C ALA A 191 -6.89 -19.88 -10.67
N ILE A 192 -7.22 -18.89 -9.83
CA ILE A 192 -6.22 -17.90 -9.41
C ILE A 192 -5.11 -18.55 -8.61
N ARG A 193 -5.44 -19.45 -7.69
CA ARG A 193 -4.40 -20.08 -6.90
C ARG A 193 -3.47 -20.90 -7.76
N ARG A 194 -4.01 -21.66 -8.73
CA ARG A 194 -3.10 -22.49 -9.51
C ARG A 194 -2.29 -21.65 -10.50
N VAL A 195 -2.84 -20.57 -11.04
CA VAL A 195 -2.07 -19.70 -11.92
C VAL A 195 -0.95 -18.99 -11.16
N ALA A 196 -1.26 -18.48 -9.96
CA ALA A 196 -0.24 -17.79 -9.19
C ALA A 196 0.87 -18.73 -8.75
N THR A 197 0.51 -19.97 -8.41
CA THR A 197 1.53 -20.95 -8.07
C THR A 197 2.41 -21.29 -9.27
N GLN A 198 1.80 -21.47 -10.45
CA GLN A 198 2.59 -21.79 -11.63
C GLN A 198 3.53 -20.65 -12.00
N THR A 199 3.04 -19.41 -11.92
CA THR A 199 3.89 -18.26 -12.21
C THR A 199 5.03 -18.14 -11.20
N PHE A 200 4.74 -18.40 -9.92
CA PHE A 200 5.79 -18.32 -8.91
C PHE A 200 6.86 -19.38 -9.13
N GLY A 201 6.44 -20.60 -9.46
CA GLY A 201 7.41 -21.64 -9.78
C GLY A 201 8.25 -21.29 -11.00
N HIS A 202 7.61 -20.70 -12.01
CA HIS A 202 8.34 -20.22 -13.17
C HIS A 202 9.39 -19.19 -12.78
N LEU A 203 8.99 -18.21 -11.96
CA LEU A 203 9.94 -17.18 -11.52
C LEU A 203 11.12 -17.81 -10.80
N LEU A 204 10.87 -18.74 -9.88
CA LEU A 204 11.98 -19.36 -9.16
C LEU A 204 12.84 -20.21 -10.10
N ASN A 205 12.29 -20.66 -11.23
CA ASN A 205 13.12 -21.39 -12.17
C ASN A 205 13.89 -20.49 -13.12
N LEU A 206 13.63 -19.18 -13.14
CA LEU A 206 14.40 -18.28 -14.00
C LEU A 206 15.79 -18.05 -13.45
N ASP A 207 16.50 -17.11 -14.06
CA ASP A 207 17.94 -17.08 -13.91
C ASP A 207 18.40 -15.77 -13.26
N LEU A 208 19.65 -15.77 -12.78
CA LEU A 208 20.15 -14.68 -11.96
C LEU A 208 20.24 -13.36 -12.70
N SER A 209 20.52 -13.38 -14.00
CA SER A 209 20.52 -12.14 -14.77
C SER A 209 19.15 -11.48 -14.70
N PHE A 210 18.09 -12.29 -14.81
CA PHE A 210 16.74 -11.77 -14.67
C PHE A 210 16.49 -11.25 -13.27
N HIS A 211 16.84 -12.03 -12.24
CA HIS A 211 16.49 -11.66 -10.88
C HIS A 211 17.36 -10.53 -10.34
N LEU A 212 18.42 -10.17 -11.04
CA LEU A 212 19.17 -8.97 -10.71
C LEU A 212 18.81 -7.80 -11.60
N SER A 213 18.20 -8.07 -12.75
CA SER A 213 17.70 -6.99 -13.59
C SER A 213 16.54 -6.25 -12.91
N LYS A 214 15.55 -7.00 -12.44
CA LYS A 214 14.28 -6.42 -12.02
C LYS A 214 14.09 -6.51 -10.51
N GLN A 215 13.49 -5.47 -9.93
CA GLN A 215 13.21 -5.45 -8.51
C GLN A 215 12.17 -6.51 -8.14
N THR A 216 12.40 -7.20 -7.03
CA THR A 216 11.53 -8.32 -6.65
C THR A 216 10.14 -7.85 -6.27
N GLY A 217 10.02 -6.68 -5.66
CA GLY A 217 8.70 -6.14 -5.36
C GLY A 217 7.87 -5.93 -6.60
N GLY A 218 8.51 -5.52 -7.69
CA GLY A 218 7.80 -5.38 -8.96
C GLY A 218 7.27 -6.70 -9.46
N LEU A 219 8.08 -7.76 -9.37
CA LEU A 219 7.63 -9.07 -9.83
C LEU A 219 6.50 -9.61 -8.98
N THR A 220 6.58 -9.42 -7.66
CA THR A 220 5.53 -9.98 -6.82
C THR A 220 4.24 -9.17 -6.93
N ARG A 221 4.33 -7.87 -7.20
CA ARG A 221 3.13 -7.11 -7.48
C ARG A 221 2.58 -7.49 -8.84
N ALA A 222 3.45 -7.87 -9.77
CA ALA A 222 2.99 -8.35 -11.06
C ALA A 222 2.17 -9.63 -10.90
N ILE A 223 2.67 -10.57 -10.09
CA ILE A 223 1.92 -11.81 -9.86
C ILE A 223 0.61 -11.50 -9.16
N ASP A 224 0.66 -10.68 -8.10
CA ASP A 224 -0.54 -10.38 -7.34
C ASP A 224 -1.60 -9.70 -8.19
N ARG A 225 -1.22 -8.63 -8.90
CA ARG A 225 -2.20 -7.87 -9.64
C ARG A 225 -2.63 -8.60 -10.91
N GLY A 226 -1.75 -9.41 -11.51
CA GLY A 226 -2.17 -10.21 -12.64
C GLY A 226 -3.17 -11.28 -12.26
N THR A 227 -3.00 -11.88 -11.09
CA THR A 227 -3.97 -12.89 -10.69
C THR A 227 -5.26 -12.27 -10.19
N LYS A 228 -5.20 -11.10 -9.55
CA LYS A 228 -6.46 -10.41 -9.28
C LYS A 228 -7.13 -9.97 -10.57
N GLY A 229 -6.34 -9.67 -11.60
CA GLY A 229 -6.91 -9.34 -12.89
C GLY A 229 -7.60 -10.50 -13.55
N ILE A 230 -7.00 -11.69 -13.46
CA ILE A 230 -7.65 -12.88 -14.01
C ILE A 230 -8.90 -13.22 -13.21
N SER A 231 -8.84 -13.04 -11.90
CA SER A 231 -10.02 -13.25 -11.06
C SER A 231 -11.14 -12.31 -11.46
N TYR A 232 -10.81 -11.04 -11.67
CA TYR A 232 -11.84 -10.13 -12.12
C TYR A 232 -12.29 -10.40 -13.54
N LEU A 233 -11.46 -10.97 -14.39
CA LEU A 233 -11.96 -11.30 -15.71
C LEU A 233 -12.98 -12.43 -15.67
N LEU A 234 -12.70 -13.52 -14.97
CA LEU A 234 -13.71 -14.57 -14.85
C LEU A 234 -14.94 -14.08 -14.10
N THR A 235 -14.71 -13.40 -12.97
CA THR A 235 -15.81 -12.89 -12.16
C THR A 235 -16.67 -11.89 -12.93
N SER A 236 -16.06 -10.95 -13.63
CA SER A 236 -16.80 -9.99 -14.41
C SER A 236 -17.51 -10.61 -15.60
N MET A 237 -16.85 -11.49 -16.35
CA MET A 237 -17.51 -12.11 -17.48
C MET A 237 -18.68 -12.99 -17.08
N VAL A 238 -18.69 -13.54 -15.87
CA VAL A 238 -19.85 -14.33 -15.47
C VAL A 238 -20.87 -13.53 -14.65
N PHE A 239 -20.47 -12.43 -14.03
CA PHE A 239 -21.41 -11.67 -13.23
C PHE A 239 -22.08 -10.55 -14.00
N HIS A 240 -21.35 -9.83 -14.84
CA HIS A 240 -21.87 -8.61 -15.44
C HIS A 240 -21.95 -8.68 -16.95
N ILE A 241 -20.87 -9.03 -17.65
CA ILE A 241 -20.84 -8.85 -19.10
C ILE A 241 -21.78 -9.83 -19.80
N VAL A 242 -21.77 -11.09 -19.38
CA VAL A 242 -22.61 -12.11 -20.04
C VAL A 242 -24.06 -12.02 -19.60
N PRO A 243 -24.41 -11.97 -18.30
CA PRO A 243 -25.83 -11.99 -17.96
C PRO A 243 -26.60 -10.79 -18.45
N THR A 244 -26.02 -9.59 -18.44
CA THR A 244 -26.82 -8.47 -18.91
C THR A 244 -26.92 -8.48 -20.43
N ALA A 245 -25.98 -9.11 -21.12
CA ALA A 245 -26.13 -9.25 -22.57
C ALA A 245 -27.19 -10.30 -22.89
N LEU A 246 -27.25 -11.36 -22.09
CA LEU A 246 -28.32 -12.32 -22.24
C LEU A 246 -29.67 -11.70 -21.96
N GLU A 247 -29.75 -10.84 -20.95
CA GLU A 247 -31.03 -10.24 -20.62
C GLU A 247 -31.43 -9.19 -21.64
N ILE A 248 -30.47 -8.47 -22.22
CA ILE A 248 -30.79 -7.58 -23.32
C ILE A 248 -31.32 -8.36 -24.51
N GLY A 249 -30.72 -9.52 -24.77
CA GLY A 249 -31.24 -10.37 -25.84
C GLY A 249 -32.65 -10.83 -25.59
N MET A 250 -32.94 -11.29 -24.37
CA MET A 250 -34.28 -11.79 -24.10
C MET A 250 -35.31 -10.68 -24.08
N VAL A 251 -34.94 -9.49 -23.59
CA VAL A 251 -35.88 -8.38 -23.61
C VAL A 251 -36.14 -7.87 -25.02
N CYS A 252 -35.13 -7.77 -25.88
CA CYS A 252 -35.39 -7.43 -27.27
C CYS A 252 -36.13 -8.56 -28.00
N GLY A 253 -36.11 -9.77 -27.48
CA GLY A 253 -36.87 -10.84 -28.09
C GLY A 253 -38.32 -10.84 -27.70
N ILE A 254 -38.60 -10.60 -26.42
CA ILE A 254 -39.99 -10.57 -25.96
C ILE A 254 -40.73 -9.33 -26.45
N LEU A 255 -40.08 -8.18 -26.42
CA LEU A 255 -40.67 -6.97 -26.97
C LEU A 255 -40.85 -7.05 -28.47
N THR A 256 -40.14 -7.93 -29.15
CA THR A 256 -40.43 -8.24 -30.55
C THR A 256 -41.60 -9.18 -30.69
N TYR A 257 -41.64 -10.24 -29.89
CA TYR A 257 -42.69 -11.24 -30.02
C TYR A 257 -44.06 -10.68 -29.66
N GLN A 258 -44.12 -9.71 -28.77
CA GLN A 258 -45.41 -9.25 -28.28
C GLN A 258 -45.82 -7.88 -28.80
N PHE A 259 -44.89 -6.98 -29.08
CA PHE A 259 -45.27 -5.62 -29.40
C PHE A 259 -44.71 -5.11 -30.72
N GLY A 260 -43.83 -5.86 -31.36
CA GLY A 260 -43.30 -5.44 -32.64
C GLY A 260 -41.84 -5.07 -32.59
N TRP A 261 -41.30 -4.74 -33.75
CA TRP A 261 -39.90 -4.38 -33.80
C TRP A 261 -39.66 -2.93 -33.39
N GLU A 262 -40.72 -2.14 -33.23
CA GLU A 262 -40.58 -0.80 -32.67
C GLU A 262 -39.89 -0.86 -31.32
N PHE A 263 -40.37 -1.73 -30.44
CA PHE A 263 -39.92 -1.72 -29.06
C PHE A 263 -38.55 -2.38 -28.92
N ALA A 264 -38.30 -3.41 -29.72
CA ALA A 264 -36.95 -3.97 -29.74
C ALA A 264 -35.96 -2.97 -30.29
N ALA A 265 -36.34 -2.21 -31.32
CA ALA A 265 -35.44 -1.21 -31.87
C ALA A 265 -35.13 -0.14 -30.84
N ILE A 266 -36.15 0.29 -30.09
CA ILE A 266 -35.92 1.32 -29.07
C ILE A 266 -35.01 0.80 -27.97
N THR A 267 -35.25 -0.42 -27.47
CA THR A 267 -34.39 -0.88 -26.40
C THR A 267 -32.98 -1.23 -26.89
N ALA A 268 -32.82 -1.65 -28.14
CA ALA A 268 -31.48 -1.91 -28.64
C ALA A 268 -30.73 -0.62 -28.91
N ALA A 269 -31.40 0.40 -29.43
CA ALA A 269 -30.76 1.69 -29.59
C ALA A 269 -30.43 2.30 -28.23
N THR A 270 -31.29 2.07 -27.24
CA THR A 270 -31.00 2.51 -25.88
C THR A 270 -29.77 1.85 -25.33
N MET A 271 -29.61 0.54 -25.50
CA MET A 271 -28.41 -0.11 -24.98
C MET A 271 -27.18 0.28 -25.76
N ALA A 272 -27.30 0.47 -27.07
CA ALA A 272 -26.16 0.95 -27.84
C ALA A 272 -25.73 2.34 -27.36
N ALA A 273 -26.69 3.24 -27.15
CA ALA A 273 -26.34 4.60 -26.75
C ALA A 273 -25.85 4.65 -25.31
N TYR A 274 -26.49 3.90 -24.43
CA TYR A 274 -26.06 3.84 -23.04
C TYR A 274 -24.66 3.25 -22.92
N THR A 275 -24.35 2.21 -23.70
CA THR A 275 -23.03 1.62 -23.61
C THR A 275 -21.98 2.51 -24.26
N ALA A 276 -22.29 3.12 -25.40
CA ALA A 276 -21.33 4.05 -26.00
C ALA A 276 -21.05 5.21 -25.06
N PHE A 277 -22.09 5.76 -24.46
CA PHE A 277 -21.92 6.88 -23.54
C PHE A 277 -21.13 6.46 -22.31
N THR A 278 -21.50 5.34 -21.68
CA THR A 278 -20.83 4.96 -20.45
C THR A 278 -19.38 4.57 -20.69
N ILE A 279 -19.10 3.89 -21.81
CA ILE A 279 -17.71 3.54 -22.12
C ILE A 279 -16.89 4.80 -22.36
N THR A 280 -17.42 5.75 -23.16
CA THR A 280 -16.67 6.96 -23.44
C THR A 280 -16.46 7.80 -22.19
N THR A 281 -17.49 7.95 -21.36
CA THR A 281 -17.35 8.78 -20.17
C THR A 281 -16.45 8.10 -19.13
N THR A 282 -16.51 6.77 -19.00
CA THR A 282 -15.65 6.15 -18.01
C THR A 282 -14.21 6.06 -18.49
N ALA A 283 -13.96 6.06 -19.81
CA ALA A 283 -12.60 6.21 -20.29
C ALA A 283 -12.09 7.62 -20.08
N TRP A 284 -12.95 8.62 -20.24
CA TRP A 284 -12.57 10.00 -19.98
C TRP A 284 -12.37 10.26 -18.49
N ARG A 285 -13.07 9.53 -17.64
CA ARG A 285 -13.11 9.76 -16.20
C ARG A 285 -12.02 9.03 -15.45
N THR A 286 -11.51 7.92 -15.96
CA THR A 286 -10.47 7.20 -15.25
C THR A 286 -9.17 8.00 -15.19
N LYS A 287 -8.95 8.95 -16.10
CA LYS A 287 -7.77 9.79 -15.95
C LYS A 287 -7.89 10.68 -14.73
N PHE A 288 -9.09 11.18 -14.43
CA PHE A 288 -9.31 11.94 -13.21
C PHE A 288 -9.15 11.05 -11.99
N ARG A 289 -9.60 9.81 -12.07
CA ARG A 289 -9.45 8.90 -10.93
C ARG A 289 -7.98 8.62 -10.62
N ARG A 290 -7.16 8.39 -11.64
CA ARG A 290 -5.75 8.14 -11.38
C ARG A 290 -4.99 9.41 -11.03
N GLN A 291 -5.46 10.57 -11.48
CA GLN A 291 -4.86 11.82 -11.00
C GLN A 291 -5.14 12.03 -9.53
N ALA A 292 -6.36 11.72 -9.09
CA ALA A 292 -6.69 11.86 -7.68
C ALA A 292 -6.02 10.81 -6.83
N ASN A 293 -5.57 9.72 -7.41
CA ASN A 293 -4.75 8.80 -6.66
C ASN A 293 -3.27 9.19 -6.65
N ALA A 294 -2.76 9.73 -7.75
CA ALA A 294 -1.36 10.14 -7.79
C ALA A 294 -1.11 11.34 -6.89
N ALA A 295 -1.92 12.38 -7.02
CA ALA A 295 -1.72 13.53 -6.14
C ALA A 295 -2.50 13.39 -4.85
N ASP A 296 -2.42 12.20 -4.28
CA ASP A 296 -2.76 11.86 -2.91
C ASP A 296 -1.62 11.11 -2.26
N ASN A 297 -1.00 10.21 -3.01
CA ASN A 297 0.30 9.71 -2.60
C ASN A 297 1.33 10.82 -2.58
N ALA A 298 1.18 11.83 -3.44
CA ALA A 298 2.09 12.97 -3.37
C ALA A 298 2.00 13.67 -2.01
N ALA A 299 0.77 13.96 -1.57
CA ALA A 299 0.61 14.63 -0.28
C ALA A 299 1.04 13.71 0.87
N SER A 300 0.72 12.42 0.77
CA SER A 300 1.09 11.50 1.83
C SER A 300 2.61 11.43 2.00
N THR A 301 3.36 11.35 0.89
CA THR A 301 4.81 11.33 1.04
C THR A 301 5.40 12.69 1.37
N VAL A 302 4.73 13.79 1.05
CA VAL A 302 5.19 15.08 1.59
C VAL A 302 5.11 15.07 3.10
N ALA A 303 4.01 14.54 3.64
CA ALA A 303 3.89 14.42 5.09
C ALA A 303 4.93 13.47 5.67
N VAL A 304 5.17 12.33 5.00
CA VAL A 304 6.18 11.38 5.45
C VAL A 304 7.54 12.03 5.50
N ASP A 305 7.89 12.77 4.44
CA ASP A 305 9.19 13.41 4.39
C ASP A 305 9.34 14.46 5.48
N SER A 306 8.27 15.23 5.74
CA SER A 306 8.36 16.22 6.80
C SER A 306 8.46 15.60 8.18
N LEU A 307 7.77 14.49 8.43
CA LEU A 307 7.81 13.89 9.76
C LEU A 307 9.05 13.05 10.01
N ILE A 308 9.62 12.43 8.97
CA ILE A 308 10.91 11.77 9.13
C ILE A 308 11.98 12.78 9.51
N ASN A 309 11.99 13.92 8.82
CA ASN A 309 12.96 14.98 9.09
C ASN A 309 12.45 15.97 10.13
N TYR A 310 11.99 15.46 11.26
CA TYR A 310 11.39 16.35 12.24
C TYR A 310 12.43 17.21 12.94
N GLU A 311 13.56 16.60 13.32
CA GLU A 311 14.63 17.37 13.95
C GLU A 311 15.11 18.47 13.02
N ALA A 312 15.23 18.16 11.73
CA ALA A 312 15.68 19.15 10.77
C ALA A 312 14.69 20.30 10.64
N VAL A 313 13.39 19.99 10.48
CA VAL A 313 12.44 21.08 10.29
C VAL A 313 12.34 21.92 11.55
N LYS A 314 12.55 21.32 12.71
CA LYS A 314 12.51 22.11 13.93
C LYS A 314 13.77 22.95 14.10
N TYR A 315 14.93 22.46 13.64
CA TYR A 315 16.17 23.20 13.83
C TYR A 315 16.26 24.46 13.00
N PHE A 316 15.57 24.51 11.86
CA PHE A 316 15.64 25.66 10.97
C PHE A 316 14.38 26.51 11.03
N ASN A 317 13.45 26.17 11.94
CA ASN A 317 12.35 27.02 12.36
C ASN A 317 11.34 27.26 11.23
N ASN A 318 11.44 26.48 10.16
CA ASN A 318 10.48 26.61 9.08
C ASN A 318 9.39 25.54 9.14
N GLU A 319 8.56 25.65 10.17
CA GLU A 319 7.37 24.80 10.27
C GLU A 319 6.33 25.24 9.25
N ALA A 320 6.13 26.55 9.12
CA ALA A 320 5.12 27.09 8.22
C ALA A 320 5.42 26.71 6.77
N TYR A 321 6.70 26.57 6.42
CA TYR A 321 7.06 26.14 5.08
C TYR A 321 6.54 24.74 4.77
N GLU A 322 6.70 23.81 5.72
CA GLU A 322 6.19 22.46 5.53
C GLU A 322 4.68 22.45 5.52
N ILE A 323 4.05 23.25 6.37
CA ILE A 323 2.58 23.31 6.36
C ILE A 323 2.08 23.84 5.03
N ALA A 324 2.74 24.86 4.48
CA ALA A 324 2.34 25.40 3.18
C ALA A 324 2.52 24.38 2.07
N ARG A 325 3.61 23.63 2.10
CA ARG A 325 3.82 22.64 1.04
C ARG A 325 2.80 21.52 1.13
N TYR A 326 2.43 21.15 2.36
CA TYR A 326 1.36 20.17 2.53
C TYR A 326 0.03 20.74 2.06
N ASP A 327 -0.21 22.03 2.25
CA ASP A 327 -1.41 22.66 1.68
C ASP A 327 -1.43 22.59 0.17
N LYS A 328 -0.29 22.84 -0.48
CA LYS A 328 -0.32 22.80 -1.94
C LYS A 328 -0.56 21.40 -2.46
N ALA A 329 0.06 20.39 -1.83
CA ALA A 329 -0.19 19.01 -2.25
C ALA A 329 -1.65 18.61 -1.99
N LEU A 330 -2.20 18.98 -0.84
CA LEU A 330 -3.58 18.65 -0.56
C LEU A 330 -4.54 19.43 -1.46
N GLN A 331 -4.14 20.62 -1.89
CA GLN A 331 -4.98 21.39 -2.79
C GLN A 331 -5.05 20.73 -4.16
N ALA A 332 -3.92 20.21 -4.65
CA ALA A 332 -3.99 19.43 -5.88
C ALA A 332 -4.86 18.20 -5.70
N TYR A 333 -4.79 17.58 -4.52
CA TYR A 333 -5.68 16.45 -4.24
C TYR A 333 -7.14 16.86 -4.28
N GLU A 334 -7.48 18.00 -3.71
CA GLU A 334 -8.89 18.37 -3.69
C GLU A 334 -9.38 18.78 -5.07
N ARG A 335 -8.50 19.37 -5.90
CA ARG A 335 -8.88 19.62 -7.28
C ARG A 335 -9.23 18.32 -7.99
N SER A 336 -8.38 17.31 -7.84
CA SER A 336 -8.63 16.08 -8.56
C SER A 336 -9.82 15.31 -7.99
N SER A 337 -10.03 15.37 -6.67
CA SER A 337 -11.18 14.66 -6.11
C SER A 337 -12.48 15.35 -6.45
N ILE A 338 -12.49 16.67 -6.54
CA ILE A 338 -13.68 17.38 -6.97
C ILE A 338 -14.00 17.03 -8.42
N LYS A 339 -12.97 16.94 -9.27
CA LYS A 339 -13.23 16.56 -10.65
C LYS A 339 -13.71 15.12 -10.76
N VAL A 340 -13.23 14.23 -9.89
CA VAL A 340 -13.71 12.86 -9.90
C VAL A 340 -15.19 12.81 -9.52
N ALA A 341 -15.58 13.50 -8.45
CA ALA A 341 -16.97 13.43 -8.01
C ALA A 341 -17.89 14.13 -9.01
N THR A 342 -17.46 15.23 -9.59
CA THR A 342 -18.26 15.90 -10.62
C THR A 342 -18.44 15.01 -11.85
N SER A 343 -17.38 14.33 -12.27
CA SER A 343 -17.53 13.48 -13.45
C SER A 343 -18.39 12.26 -13.15
N LEU A 344 -18.34 11.76 -11.92
CA LEU A 344 -19.26 10.69 -11.55
C LEU A 344 -20.70 11.16 -11.59
N ALA A 345 -20.95 12.38 -11.14
CA ALA A 345 -22.29 12.94 -11.24
C ALA A 345 -22.74 13.03 -12.70
N PHE A 346 -21.84 13.47 -13.58
CA PHE A 346 -22.17 13.52 -15.00
C PHE A 346 -22.50 12.15 -15.56
N LEU A 347 -21.70 11.16 -15.20
CA LEU A 347 -21.93 9.80 -15.68
C LEU A 347 -23.28 9.28 -15.25
N ASN A 348 -23.59 9.36 -13.96
CA ASN A 348 -24.84 8.81 -13.46
C ASN A 348 -26.05 9.55 -14.01
N SER A 349 -25.99 10.88 -14.09
CA SER A 349 -27.12 11.61 -14.63
C SER A 349 -27.33 11.33 -16.11
N GLY A 350 -26.25 11.24 -16.89
CA GLY A 350 -26.42 10.90 -18.30
C GLY A 350 -26.98 9.51 -18.53
N GLN A 351 -26.53 8.53 -17.76
CA GLN A 351 -27.07 7.18 -17.88
C GLN A 351 -28.56 7.15 -17.62
N ASN A 352 -29.03 7.84 -16.59
CA ASN A 352 -30.45 7.70 -16.28
C ASN A 352 -31.28 8.64 -17.16
N ILE A 353 -30.65 9.64 -17.78
CA ILE A 353 -31.33 10.32 -18.87
C ILE A 353 -31.59 9.37 -20.02
N ILE A 354 -30.65 8.48 -20.31
CA ILE A 354 -30.85 7.55 -21.43
C ILE A 354 -31.94 6.53 -21.15
N PHE A 355 -31.93 5.88 -19.98
CA PHE A 355 -33.12 5.07 -19.65
C PHE A 355 -34.40 5.86 -19.49
N SER A 356 -34.39 7.08 -18.99
CA SER A 356 -35.68 7.72 -18.82
C SER A 356 -36.25 8.16 -20.17
N SER A 357 -35.38 8.50 -21.12
CA SER A 357 -35.86 8.75 -22.47
C SER A 357 -36.37 7.47 -23.12
N ALA A 358 -35.70 6.34 -22.87
CA ALA A 358 -36.18 5.06 -23.41
C ALA A 358 -37.54 4.70 -22.82
N LEU A 359 -37.67 4.76 -21.50
CA LEU A 359 -38.92 4.37 -20.85
C LEU A 359 -40.05 5.32 -21.20
N THR A 360 -39.78 6.61 -21.38
CA THR A 360 -40.84 7.51 -21.80
C THR A 360 -41.26 7.26 -23.24
N LEU A 361 -40.31 6.99 -24.14
CA LEU A 361 -40.71 6.73 -25.51
C LEU A 361 -41.50 5.44 -25.63
N MET A 362 -41.15 4.44 -24.83
CA MET A 362 -41.92 3.20 -24.85
C MET A 362 -43.25 3.36 -24.15
N MET A 363 -43.33 4.24 -23.15
CA MET A 363 -44.62 4.57 -22.57
C MET A 363 -45.53 5.22 -23.60
N TRP A 364 -44.97 6.11 -24.42
CA TRP A 364 -45.77 6.75 -25.44
C TRP A 364 -46.27 5.75 -26.47
N LEU A 365 -45.40 4.84 -26.92
CA LEU A 365 -45.88 3.87 -27.90
C LEU A 365 -46.81 2.83 -27.28
N GLY A 366 -46.64 2.52 -26.00
CA GLY A 366 -47.63 1.70 -25.33
C GLY A 366 -48.96 2.41 -25.19
N ALA A 367 -48.94 3.72 -25.01
CA ALA A 367 -50.19 4.48 -24.97
C ALA A 367 -50.85 4.49 -26.33
N ARG A 368 -50.08 4.61 -27.40
CA ARG A 368 -50.65 4.51 -28.74
C ARG A 368 -51.26 3.13 -28.95
N GLY A 369 -50.59 2.09 -28.45
CA GLY A 369 -51.12 0.75 -28.57
C GLY A 369 -52.40 0.56 -27.78
N VAL A 370 -52.50 1.18 -26.61
CA VAL A 370 -53.72 1.04 -25.81
C VAL A 370 -54.88 1.77 -26.45
N LEU A 371 -54.65 3.01 -26.89
CA LEU A 371 -55.72 3.78 -27.50
C LEU A 371 -56.14 3.21 -28.85
N ALA A 372 -55.23 2.56 -29.57
CA ALA A 372 -55.63 1.88 -30.79
C ALA A 372 -56.31 0.54 -30.51
N GLY A 373 -56.28 0.07 -29.27
CA GLY A 373 -56.92 -1.17 -28.90
C GLY A 373 -56.05 -2.40 -29.01
N ASP A 374 -54.81 -2.26 -29.49
CA ASP A 374 -53.93 -3.41 -29.64
C ASP A 374 -53.53 -3.97 -28.28
N LEU A 375 -52.84 -3.18 -27.48
CA LEU A 375 -52.35 -3.60 -26.18
C LEU A 375 -53.48 -3.54 -25.15
N SER A 376 -53.13 -3.83 -23.91
CA SER A 376 -53.97 -3.58 -22.76
C SER A 376 -53.24 -2.62 -21.84
N VAL A 377 -53.87 -2.30 -20.71
CA VAL A 377 -53.24 -1.37 -19.77
C VAL A 377 -52.07 -2.04 -19.07
N GLY A 378 -52.19 -3.32 -18.73
CA GLY A 378 -51.10 -4.03 -18.09
C GLY A 378 -49.89 -4.19 -18.97
N ASP A 379 -50.05 -4.14 -20.29
CA ASP A 379 -48.87 -4.24 -21.14
C ASP A 379 -47.98 -3.01 -20.98
N LEU A 380 -48.52 -1.89 -20.51
CA LEU A 380 -47.67 -0.75 -20.19
C LEU A 380 -46.69 -1.08 -19.07
N VAL A 381 -47.17 -1.71 -18.00
CA VAL A 381 -46.25 -2.03 -16.91
C VAL A 381 -45.35 -3.17 -17.33
N LEU A 382 -45.80 -4.00 -18.27
CA LEU A 382 -44.90 -5.02 -18.82
C LEU A 382 -43.71 -4.39 -19.53
N ILE A 383 -43.97 -3.48 -20.46
CA ILE A 383 -42.90 -2.83 -21.22
C ILE A 383 -41.99 -2.04 -20.28
N ASN A 384 -42.60 -1.25 -19.40
CA ASN A 384 -41.83 -0.40 -18.52
C ASN A 384 -40.95 -1.22 -17.59
N GLN A 385 -41.50 -2.29 -17.03
CA GLN A 385 -40.72 -3.07 -16.07
C GLN A 385 -39.67 -3.93 -16.75
N LEU A 386 -39.90 -4.37 -17.99
CA LEU A 386 -38.86 -5.11 -18.69
C LEU A 386 -37.65 -4.22 -18.95
N VAL A 387 -37.87 -3.04 -19.52
CA VAL A 387 -36.73 -2.18 -19.81
C VAL A 387 -36.09 -1.67 -18.53
N PHE A 388 -36.89 -1.39 -17.51
CA PHE A 388 -36.28 -0.94 -16.29
C PHE A 388 -35.47 -2.05 -15.62
N GLN A 389 -35.94 -3.29 -15.68
CA GLN A 389 -35.17 -4.38 -15.09
C GLN A 389 -33.85 -4.57 -15.82
N LEU A 390 -33.81 -4.24 -17.12
CA LEU A 390 -32.51 -4.13 -17.77
C LEU A 390 -31.67 -3.03 -17.14
N SER A 391 -32.30 -1.96 -16.69
CA SER A 391 -31.52 -0.87 -16.11
C SER A 391 -30.83 -1.19 -14.79
N VAL A 392 -31.12 -2.31 -14.14
CA VAL A 392 -30.49 -2.63 -12.86
C VAL A 392 -29.07 -3.19 -13.03
N PRO A 393 -28.81 -4.18 -13.90
CA PRO A 393 -27.42 -4.63 -14.04
C PRO A 393 -26.52 -3.61 -14.70
N LEU A 394 -27.03 -2.81 -15.62
CA LEU A 394 -26.24 -1.84 -16.35
C LEU A 394 -25.94 -0.60 -15.53
N ASN A 395 -26.30 -0.59 -14.27
CA ASN A 395 -25.93 0.49 -13.37
C ASN A 395 -24.47 0.44 -12.98
N PHE A 396 -23.78 -0.65 -13.28
CA PHE A 396 -22.38 -0.81 -12.92
C PHE A 396 -21.52 -0.95 -14.16
N LEU A 397 -22.04 -0.57 -15.31
CA LEU A 397 -21.28 -0.62 -16.55
C LEU A 397 -20.05 0.28 -16.52
N GLY A 398 -20.06 1.31 -15.71
CA GLY A 398 -18.93 2.21 -15.67
C GLY A 398 -17.83 1.72 -14.77
N SER A 399 -18.16 0.81 -13.84
CA SER A 399 -17.16 0.31 -12.92
C SER A 399 -16.73 -1.11 -13.24
N VAL A 400 -17.50 -1.86 -14.04
CA VAL A 400 -17.05 -3.16 -14.51
C VAL A 400 -16.42 -3.05 -15.89
N TYR A 401 -16.26 -1.84 -16.40
CA TYR A 401 -15.39 -1.62 -17.53
C TYR A 401 -14.06 -1.03 -17.14
N ARG A 402 -14.04 -0.13 -16.15
CA ARG A 402 -12.78 0.42 -15.67
C ARG A 402 -11.91 -0.69 -15.09
N GLU A 403 -12.47 -1.50 -14.20
CA GLU A 403 -11.67 -2.55 -13.58
C GLU A 403 -11.41 -3.69 -14.55
N LEU A 404 -12.28 -3.88 -15.54
CA LEU A 404 -12.01 -4.88 -16.56
C LEU A 404 -10.84 -4.47 -17.45
N ARG A 405 -10.78 -3.20 -17.84
CA ARG A 405 -9.64 -2.77 -18.65
C ARG A 405 -8.36 -2.74 -17.82
N GLN A 406 -8.46 -2.39 -16.53
CA GLN A 406 -7.27 -2.44 -15.69
C GLN A 406 -6.80 -3.87 -15.50
N SER A 407 -7.74 -4.82 -15.42
CA SER A 407 -7.37 -6.22 -15.38
C SER A 407 -6.71 -6.68 -16.66
N LEU A 408 -7.21 -6.26 -17.82
CA LEU A 408 -6.50 -6.59 -19.05
C LEU A 408 -5.18 -5.86 -19.22
N LEU A 409 -4.91 -4.83 -18.42
CA LEU A 409 -3.58 -4.27 -18.40
C LEU A 409 -2.63 -5.03 -17.49
N ASP A 410 -3.08 -5.45 -16.30
CA ASP A 410 -2.21 -6.17 -15.37
C ASP A 410 -1.99 -7.62 -15.80
N MET A 411 -3.04 -8.26 -16.30
CA MET A 411 -2.95 -9.61 -16.82
C MET A 411 -1.95 -9.71 -17.95
N GLU A 412 -1.76 -8.64 -18.70
CA GLU A 412 -0.76 -8.66 -19.75
C GLU A 412 0.64 -8.68 -19.17
N THR A 413 0.89 -7.93 -18.08
CA THR A 413 2.21 -7.97 -17.46
C THR A 413 2.50 -9.35 -16.85
N LEU A 414 1.50 -9.95 -16.22
CA LEU A 414 1.69 -11.31 -15.72
C LEU A 414 1.97 -12.29 -16.84
N PHE A 415 1.27 -12.19 -17.96
CA PHE A 415 1.54 -13.06 -19.10
C PHE A 415 2.80 -12.67 -19.85
N ASP A 416 3.38 -11.52 -19.53
CA ASP A 416 4.73 -11.20 -19.99
C ASP A 416 5.79 -11.87 -19.12
N LEU A 417 5.53 -11.96 -17.81
CA LEU A 417 6.42 -12.77 -16.97
C LEU A 417 6.32 -14.24 -17.31
N GLN A 418 5.14 -14.71 -17.71
CA GLN A 418 4.96 -16.13 -17.92
C GLN A 418 5.63 -16.64 -19.20
N LYS A 419 6.37 -15.81 -19.92
CA LYS A 419 6.98 -16.22 -21.19
C LYS A 419 8.39 -15.64 -21.31
N VAL A 420 9.14 -15.64 -20.21
CA VAL A 420 10.43 -14.94 -20.28
C VAL A 420 11.47 -15.79 -21.00
N ASN A 421 11.95 -16.85 -20.33
CA ASN A 421 13.06 -17.68 -20.80
C ASN A 421 13.45 -18.75 -19.80
N VAL A 422 14.38 -19.60 -20.20
CA VAL A 422 15.32 -20.26 -19.29
C VAL A 422 16.68 -20.09 -19.95
N THR A 423 17.53 -19.24 -19.38
CA THR A 423 18.80 -18.95 -20.04
C THR A 423 19.78 -20.10 -19.89
N ILE A 424 20.18 -20.41 -18.66
CA ILE A 424 20.95 -21.61 -18.37
C ILE A 424 19.99 -22.77 -18.23
N ARG A 425 19.93 -23.61 -19.26
CA ARG A 425 19.15 -24.83 -19.25
C ARG A 425 20.11 -26.03 -19.24
N GLU A 426 19.66 -27.14 -18.67
CA GLU A 426 20.47 -28.34 -18.71
C GLU A 426 20.34 -29.00 -20.07
N ALA A 427 21.40 -29.71 -20.47
CA ALA A 427 21.37 -30.47 -21.71
C ALA A 427 20.36 -31.60 -21.58
N PRO A 428 19.66 -31.94 -22.66
CA PRO A 428 18.66 -33.02 -22.59
C PRO A 428 19.30 -34.34 -22.18
N ASN A 429 18.59 -35.08 -21.33
CA ASN A 429 19.06 -36.33 -20.74
C ASN A 429 20.41 -36.13 -20.06
N ALA A 430 20.45 -35.15 -19.16
CA ALA A 430 21.67 -34.86 -18.42
C ALA A 430 21.95 -35.97 -17.41
N LYS A 431 23.23 -36.19 -17.13
CA LYS A 431 23.64 -37.32 -16.32
C LYS A 431 24.04 -36.84 -14.93
N PRO A 432 23.56 -37.47 -13.85
CA PRO A 432 24.04 -37.11 -12.51
C PRO A 432 25.41 -37.71 -12.20
N LEU A 433 26.08 -38.25 -13.21
CA LEU A 433 27.28 -39.04 -13.04
C LEU A 433 28.46 -38.18 -12.61
N ALA A 434 29.55 -38.86 -12.23
CA ALA A 434 30.86 -38.30 -11.91
C ALA A 434 30.86 -37.41 -10.68
N LEU A 435 29.74 -37.20 -10.02
CA LEU A 435 29.69 -36.40 -8.81
C LEU A 435 30.19 -37.18 -7.59
N PRO A 436 29.83 -38.49 -7.39
CA PRO A 436 30.45 -39.22 -6.26
C PRO A 436 31.85 -39.74 -6.59
N LYS A 437 32.78 -38.80 -6.81
CA LYS A 437 34.19 -39.11 -6.97
C LYS A 437 34.98 -38.26 -5.98
N GLY A 438 36.30 -38.41 -6.02
CA GLY A 438 37.15 -37.51 -5.28
C GLY A 438 37.04 -36.12 -5.89
N GLY A 439 36.38 -35.20 -5.19
CA GLY A 439 35.96 -33.94 -5.76
C GLY A 439 37.09 -33.05 -6.29
N GLU A 440 37.19 -32.99 -7.61
CA GLU A 440 38.19 -32.18 -8.28
C GLU A 440 37.48 -31.28 -9.28
N ILE A 441 37.79 -29.98 -9.25
CA ILE A 441 37.20 -29.01 -10.15
C ILE A 441 38.30 -28.45 -11.02
N ARG A 442 38.19 -28.66 -12.34
CA ARG A 442 39.20 -28.13 -13.25
C ARG A 442 38.53 -27.13 -14.19
N PHE A 443 39.14 -25.97 -14.27
CA PHE A 443 38.74 -24.91 -15.19
C PHE A 443 39.62 -24.98 -16.42
N GLU A 444 39.01 -24.93 -17.60
CA GLU A 444 39.76 -25.05 -18.85
C GLU A 444 39.54 -23.81 -19.71
N ASN A 445 40.61 -23.03 -19.88
CA ASN A 445 40.68 -21.80 -20.68
C ASN A 445 39.45 -20.92 -20.53
N VAL A 446 38.98 -20.75 -19.31
CA VAL A 446 37.67 -20.16 -19.06
C VAL A 446 37.77 -18.65 -19.16
N THR A 447 36.88 -18.05 -19.96
CA THR A 447 36.75 -16.60 -20.06
C THR A 447 35.29 -16.25 -19.82
N PHE A 448 35.00 -15.61 -18.69
CA PHE A 448 33.67 -15.15 -18.36
C PHE A 448 33.79 -13.71 -17.87
N GLY A 449 32.90 -12.85 -18.34
CA GLY A 449 32.71 -11.56 -17.71
C GLY A 449 31.26 -11.13 -17.74
N TYR A 450 30.84 -10.37 -16.74
CA TYR A 450 29.57 -9.65 -16.82
C TYR A 450 29.67 -8.68 -17.99
N TYR A 451 28.61 -8.65 -18.83
CA TYR A 451 28.58 -7.77 -20.01
C TYR A 451 29.75 -8.11 -20.92
N PRO A 452 29.65 -9.19 -21.72
CA PRO A 452 30.82 -9.78 -22.39
C PRO A 452 31.70 -8.85 -23.21
N ASP A 453 31.28 -7.60 -23.43
CA ASP A 453 32.21 -6.62 -23.99
C ASP A 453 33.31 -6.24 -23.01
N ARG A 454 33.15 -6.54 -21.72
CA ARG A 454 34.18 -6.30 -20.70
C ARG A 454 34.47 -7.61 -19.98
N PRO A 455 35.40 -8.42 -20.51
CA PRO A 455 35.76 -9.68 -19.82
C PRO A 455 36.34 -9.46 -18.44
N ILE A 456 35.75 -10.10 -17.43
CA ILE A 456 36.25 -9.97 -16.07
C ILE A 456 37.23 -11.10 -15.74
N LEU A 457 36.89 -12.33 -16.11
CA LEU A 457 37.76 -13.48 -15.94
C LEU A 457 38.17 -13.95 -17.32
N ARG A 458 39.48 -14.19 -17.50
CA ARG A 458 40.06 -14.28 -18.85
C ARG A 458 40.95 -15.50 -18.97
N ASN A 459 40.49 -16.49 -19.76
CA ASN A 459 41.30 -17.61 -20.23
C ASN A 459 41.99 -18.33 -19.07
N LEU A 460 41.15 -18.91 -18.22
CA LEU A 460 41.60 -19.43 -16.94
C LEU A 460 41.53 -20.95 -16.93
N SER A 461 42.55 -21.58 -16.34
CA SER A 461 42.64 -23.02 -16.24
C SER A 461 43.27 -23.37 -14.89
N LEU A 462 42.58 -24.20 -14.10
CA LEU A 462 43.12 -24.63 -12.82
C LEU A 462 42.58 -26.02 -12.49
N THR A 463 43.08 -26.57 -11.38
CA THR A 463 42.65 -27.89 -10.91
C THR A 463 42.57 -27.87 -9.38
N ILE A 464 41.45 -28.33 -8.85
CA ILE A 464 41.22 -28.41 -7.41
C ILE A 464 41.00 -29.86 -7.04
N PRO A 465 42.01 -30.52 -6.47
CA PRO A 465 41.88 -31.94 -6.10
C PRO A 465 40.95 -32.18 -4.92
N ALA A 466 40.82 -33.45 -4.54
CA ALA A 466 39.89 -33.86 -3.50
C ALA A 466 40.43 -33.56 -2.11
N GLY A 467 39.52 -33.28 -1.17
CA GLY A 467 39.84 -33.19 0.23
C GLY A 467 40.77 -32.07 0.64
N LYS A 468 41.00 -31.11 -0.24
CA LYS A 468 42.01 -30.09 -0.03
C LYS A 468 41.37 -28.76 0.36
N LYS A 469 41.91 -28.13 1.39
CA LYS A 469 41.51 -26.78 1.78
C LYS A 469 42.27 -25.82 0.87
N VAL A 470 41.65 -25.45 -0.24
CA VAL A 470 42.24 -24.55 -1.20
C VAL A 470 41.59 -23.18 -1.04
N ALA A 471 42.40 -22.14 -1.20
CA ALA A 471 41.94 -20.76 -1.17
C ALA A 471 42.40 -20.07 -2.44
N VAL A 472 41.63 -19.08 -2.86
CA VAL A 472 41.97 -18.26 -4.01
C VAL A 472 41.97 -16.80 -3.56
N VAL A 473 43.02 -16.07 -3.91
CA VAL A 473 43.22 -14.70 -3.47
C VAL A 473 43.52 -13.83 -4.69
N GLY A 474 43.40 -12.53 -4.50
CA GLY A 474 43.63 -11.57 -5.55
C GLY A 474 43.26 -10.17 -5.12
N PRO A 475 43.29 -9.22 -6.06
CA PRO A 475 42.95 -7.84 -5.71
C PRO A 475 41.46 -7.62 -5.66
N SER A 476 41.05 -6.41 -5.28
CA SER A 476 39.64 -6.07 -5.22
C SER A 476 39.09 -5.89 -6.64
N GLY A 477 37.93 -6.51 -6.90
CA GLY A 477 37.27 -6.36 -8.18
C GLY A 477 37.88 -7.14 -9.33
N CYS A 478 38.80 -8.06 -9.05
CA CYS A 478 39.40 -8.85 -10.12
C CYS A 478 38.40 -9.85 -10.71
N GLY A 479 37.40 -10.25 -9.94
CA GLY A 479 36.39 -11.16 -10.43
C GLY A 479 36.46 -12.54 -9.81
N LYS A 480 36.95 -12.62 -8.58
CA LYS A 480 36.99 -13.90 -7.89
C LYS A 480 35.60 -14.40 -7.53
N SER A 481 34.68 -13.49 -7.20
CA SER A 481 33.34 -13.86 -6.77
C SER A 481 32.55 -14.58 -7.85
N THR A 482 32.95 -14.44 -9.11
CA THR A 482 32.24 -15.13 -10.17
C THR A 482 32.50 -16.63 -10.14
N LEU A 483 33.60 -17.04 -9.48
CA LEU A 483 34.02 -18.43 -9.41
C LEU A 483 32.88 -19.36 -8.99
N LEU A 484 32.34 -19.11 -7.80
CA LEU A 484 31.15 -19.82 -7.34
C LEU A 484 30.01 -19.69 -8.35
N ARG A 485 29.71 -18.45 -8.77
CA ARG A 485 28.62 -18.23 -9.70
C ARG A 485 28.89 -18.89 -11.04
N LEU A 486 30.13 -19.28 -11.30
CA LEU A 486 30.43 -20.00 -12.52
C LEU A 486 30.28 -21.50 -12.33
N LEU A 487 30.62 -22.01 -11.15
CA LEU A 487 30.61 -23.46 -10.96
C LEU A 487 29.25 -23.94 -10.49
N PHE A 488 28.54 -23.12 -9.73
CA PHE A 488 27.17 -23.47 -9.36
C PHE A 488 26.25 -23.45 -10.57
N ARG A 489 26.76 -22.96 -11.70
CA ARG A 489 26.06 -22.83 -12.97
C ARG A 489 24.88 -21.88 -12.79
N SER A 490 25.08 -20.91 -11.90
CA SER A 490 24.27 -19.71 -11.90
C SER A 490 24.42 -18.93 -13.19
N TYR A 491 25.62 -18.90 -13.76
CA TYR A 491 25.88 -18.28 -15.04
C TYR A 491 26.47 -19.32 -15.96
N ASP A 492 26.94 -18.91 -17.13
CA ASP A 492 27.68 -19.84 -17.98
C ASP A 492 29.05 -19.26 -18.30
N PRO A 493 30.03 -20.12 -18.52
CA PRO A 493 31.30 -19.66 -19.09
C PRO A 493 31.12 -19.33 -20.56
N GLN A 494 31.34 -18.05 -20.90
CA GLN A 494 31.25 -17.64 -22.29
C GLN A 494 32.29 -18.36 -23.13
N GLN A 495 33.50 -18.48 -22.62
CA GLN A 495 34.56 -19.27 -23.23
C GLN A 495 35.16 -20.15 -22.15
N GLY A 496 35.65 -21.32 -22.55
CA GLY A 496 36.20 -22.26 -21.61
C GLY A 496 35.13 -23.17 -21.01
N LYS A 497 35.58 -24.24 -20.38
CA LYS A 497 34.67 -25.25 -19.84
C LYS A 497 35.04 -25.55 -18.39
N ILE A 498 34.10 -26.19 -17.70
CA ILE A 498 34.24 -26.49 -16.27
C ILE A 498 33.98 -27.97 -16.09
N PHE A 499 34.87 -28.66 -15.37
CA PHE A 499 34.70 -30.10 -15.17
C PHE A 499 34.85 -30.45 -13.70
N ILE A 500 33.80 -31.06 -13.13
CA ILE A 500 33.91 -31.68 -11.83
C ILE A 500 34.11 -33.18 -12.05
N ASP A 501 35.29 -33.68 -11.68
CA ASP A 501 35.64 -35.10 -11.72
C ASP A 501 35.36 -35.70 -13.10
N ASP A 502 35.90 -35.05 -14.13
CA ASP A 502 35.85 -35.52 -15.51
C ASP A 502 34.42 -35.59 -16.05
N GLN A 503 33.69 -34.48 -15.92
CA GLN A 503 32.42 -34.31 -16.60
C GLN A 503 32.08 -32.83 -16.70
N ASP A 504 31.63 -32.42 -17.88
CA ASP A 504 31.26 -31.03 -18.11
C ASP A 504 29.99 -30.68 -17.35
N ILE A 505 29.98 -29.48 -16.77
CA ILE A 505 28.84 -29.01 -15.99
C ILE A 505 27.59 -28.88 -16.83
N LYS A 506 27.72 -28.48 -18.10
CA LYS A 506 26.56 -28.38 -18.98
C LYS A 506 25.90 -29.72 -19.29
N SER A 507 26.56 -30.83 -18.97
CA SER A 507 26.01 -32.15 -19.22
C SER A 507 25.48 -32.82 -17.95
N VAL A 508 25.69 -32.23 -16.79
CA VAL A 508 25.28 -32.82 -15.53
C VAL A 508 23.91 -32.30 -15.15
N THR A 509 23.08 -33.17 -14.57
CA THR A 509 21.76 -32.78 -14.12
C THR A 509 21.84 -31.67 -13.08
N LEU A 510 21.00 -30.65 -13.27
CA LEU A 510 21.10 -29.42 -12.48
C LEU A 510 20.79 -29.66 -11.01
N GLU A 511 19.75 -30.44 -10.72
CA GLU A 511 19.33 -30.59 -9.33
C GLU A 511 20.37 -31.35 -8.52
N SER A 512 20.95 -32.41 -9.08
CA SER A 512 21.96 -33.16 -8.34
C SER A 512 23.25 -32.35 -8.21
N LEU A 513 23.58 -31.56 -9.24
CA LEU A 513 24.70 -30.65 -9.15
C LEU A 513 24.55 -29.70 -7.98
N ARG A 514 23.41 -29.00 -7.92
CA ARG A 514 23.24 -28.01 -6.87
C ARG A 514 22.99 -28.64 -5.51
N LYS A 515 22.57 -29.90 -5.47
CA LYS A 515 22.62 -30.65 -4.21
C LYS A 515 24.05 -30.86 -3.76
N SER A 516 24.93 -31.26 -4.69
CA SER A 516 26.29 -31.64 -4.31
C SER A 516 27.10 -30.43 -3.83
N ILE A 517 26.78 -29.25 -4.31
CA ILE A 517 27.48 -28.04 -3.91
C ILE A 517 26.90 -27.55 -2.59
N GLY A 518 27.76 -26.97 -1.74
CA GLY A 518 27.30 -26.28 -0.56
C GLY A 518 27.99 -24.94 -0.43
N VAL A 519 27.26 -23.92 0.02
CA VAL A 519 27.69 -22.53 -0.07
C VAL A 519 27.57 -21.84 1.27
N VAL A 520 28.61 -21.09 1.62
CA VAL A 520 28.51 -20.06 2.65
C VAL A 520 28.74 -18.72 1.95
N PRO A 521 27.71 -17.93 1.76
CA PRO A 521 27.86 -16.66 1.03
C PRO A 521 28.62 -15.63 1.83
N GLN A 522 28.96 -14.54 1.14
CA GLN A 522 29.59 -13.41 1.81
C GLN A 522 28.65 -12.79 2.82
N ASP A 523 27.44 -12.48 2.40
CA ASP A 523 26.36 -12.10 3.29
C ASP A 523 25.23 -13.11 3.14
N THR A 524 24.77 -13.66 4.25
CA THR A 524 23.65 -14.58 4.21
C THR A 524 22.37 -13.89 4.68
N PRO A 525 21.43 -13.61 3.80
CA PRO A 525 20.12 -13.15 4.25
C PRO A 525 19.42 -14.25 5.02
N LEU A 526 18.58 -13.83 5.96
CA LEU A 526 17.93 -14.73 6.90
C LEU A 526 16.42 -14.60 6.75
N PHE A 527 15.75 -15.75 6.69
CA PHE A 527 14.31 -15.75 6.49
C PHE A 527 13.60 -15.24 7.75
N ASN A 528 12.59 -14.42 7.54
CA ASN A 528 11.90 -13.73 8.64
C ASN A 528 11.04 -14.75 9.36
N ASP A 529 11.70 -15.59 10.15
CA ASP A 529 11.15 -16.83 10.68
C ASP A 529 11.83 -17.12 12.02
N THR A 530 11.73 -18.36 12.49
CA THR A 530 12.49 -18.80 13.64
C THR A 530 13.91 -19.19 13.22
N VAL A 531 14.86 -19.07 14.16
CA VAL A 531 16.20 -19.56 13.91
C VAL A 531 16.19 -21.06 13.68
N GLU A 532 15.19 -21.76 14.24
CA GLU A 532 15.05 -23.18 13.99
C GLU A 532 14.88 -23.45 12.50
N LEU A 533 14.08 -22.64 11.81
CA LEU A 533 13.88 -22.85 10.39
C LEU A 533 14.99 -22.29 9.53
N ASN A 534 15.67 -21.22 9.95
CA ASN A 534 16.85 -20.80 9.21
C ASN A 534 17.93 -21.86 9.23
N ILE A 535 18.14 -22.49 10.39
CA ILE A 535 19.07 -23.62 10.41
C ILE A 535 18.50 -24.78 9.61
N ARG A 536 17.20 -25.04 9.75
CA ARG A 536 16.56 -26.14 9.05
C ARG A 536 16.57 -26.00 7.54
N TYR A 537 16.81 -24.79 7.04
CA TYR A 537 16.75 -24.55 5.61
C TYR A 537 17.82 -25.33 4.85
N GLY A 538 18.85 -25.82 5.53
CA GLY A 538 19.79 -26.73 4.89
C GLY A 538 19.13 -28.01 4.44
N ASN A 539 18.25 -28.56 5.28
CA ASN A 539 17.54 -29.81 4.97
C ASN A 539 16.15 -29.72 5.58
N VAL A 540 15.13 -29.60 4.72
CA VAL A 540 13.78 -29.36 5.21
C VAL A 540 13.26 -30.57 5.98
N ASN A 541 13.62 -31.76 5.57
CA ASN A 541 13.16 -32.99 6.21
C ASN A 541 14.14 -33.46 7.28
N ALA A 542 14.43 -32.55 8.21
CA ALA A 542 15.34 -32.81 9.32
C ALA A 542 14.60 -32.62 10.63
N THR A 543 14.86 -33.51 11.59
CA THR A 543 14.25 -33.40 12.90
C THR A 543 15.00 -32.38 13.74
N GLN A 544 14.55 -32.21 14.99
CA GLN A 544 15.09 -31.17 15.85
C GLN A 544 16.53 -31.46 16.27
N GLU A 545 16.84 -32.74 16.48
CA GLU A 545 18.17 -33.11 16.98
C GLU A 545 19.29 -32.74 16.00
N GLN A 546 19.03 -32.85 14.69
CA GLN A 546 20.01 -32.38 13.71
C GLN A 546 20.21 -30.88 13.82
N VAL A 547 19.13 -30.13 14.06
CA VAL A 547 19.24 -28.69 14.24
C VAL A 547 20.07 -28.36 15.48
N ILE A 548 19.85 -29.11 16.56
CA ILE A 548 20.61 -28.91 17.79
C ILE A 548 22.09 -29.20 17.56
N ALA A 549 22.37 -30.29 16.85
CA ALA A 549 23.76 -30.64 16.54
C ALA A 549 24.43 -29.57 15.68
N ALA A 550 23.71 -29.03 14.71
CA ALA A 550 24.26 -27.97 13.87
C ALA A 550 24.53 -26.71 14.69
N ALA A 551 23.67 -26.42 15.66
CA ALA A 551 23.94 -25.32 16.57
C ALA A 551 25.16 -25.61 17.44
N GLN A 552 25.35 -26.88 17.81
CA GLN A 552 26.53 -27.28 18.59
C GLN A 552 27.82 -27.05 17.80
N LYS A 553 27.87 -27.53 16.56
CA LYS A 553 29.14 -27.73 15.88
C LYS A 553 29.83 -26.42 15.56
N ALA A 554 29.07 -25.32 15.43
CA ALA A 554 29.66 -24.02 15.18
C ALA A 554 29.36 -23.04 16.31
N HIS A 555 28.94 -23.55 17.47
CA HIS A 555 28.62 -22.74 18.65
C HIS A 555 27.55 -21.70 18.32
N ILE A 556 26.35 -22.21 18.03
CA ILE A 556 25.15 -21.39 18.01
C ILE A 556 24.25 -21.68 19.21
N HIS A 557 24.41 -22.83 19.86
CA HIS A 557 23.48 -23.28 20.89
C HIS A 557 23.49 -22.36 22.10
N GLU A 558 24.67 -21.86 22.47
CA GLU A 558 24.74 -20.92 23.59
C GLU A 558 23.99 -19.63 23.27
N LYS A 559 24.15 -19.12 22.05
CA LYS A 559 23.52 -17.86 21.71
C LYS A 559 22.04 -18.02 21.39
N ILE A 560 21.57 -19.25 21.13
CA ILE A 560 20.13 -19.43 20.98
C ILE A 560 19.47 -19.81 22.30
N ILE A 561 20.23 -20.35 23.26
CA ILE A 561 19.76 -20.35 24.64
C ILE A 561 19.66 -18.93 25.14
N SER A 562 20.60 -18.07 24.74
CA SER A 562 20.56 -16.66 25.09
C SER A 562 19.36 -15.93 24.49
N TRP A 563 18.77 -16.46 23.41
CA TRP A 563 17.60 -15.81 22.85
C TRP A 563 16.39 -16.05 23.78
N PRO A 564 15.37 -15.17 23.72
CA PRO A 564 14.25 -15.27 24.68
C PRO A 564 13.51 -16.60 24.68
N HIS A 565 12.97 -17.01 23.53
CA HIS A 565 12.13 -18.21 23.44
C HIS A 565 12.94 -19.47 23.17
N GLY A 566 14.23 -19.49 23.50
CA GLY A 566 15.06 -20.57 23.02
C GLY A 566 15.33 -20.41 21.53
N TYR A 567 15.54 -21.52 20.85
CA TYR A 567 15.67 -21.48 19.39
C TYR A 567 14.33 -21.38 18.69
N GLN A 568 13.24 -21.17 19.43
CA GLN A 568 11.96 -20.86 18.83
C GLN A 568 11.78 -19.36 18.59
N THR A 569 12.80 -18.58 18.96
CA THR A 569 12.76 -17.13 18.80
C THR A 569 12.50 -16.73 17.35
N ARG A 570 11.65 -15.73 17.17
CA ARG A 570 11.40 -15.24 15.82
C ARG A 570 12.51 -14.26 15.44
N VAL A 571 13.17 -14.53 14.33
CA VAL A 571 14.37 -13.81 13.91
C VAL A 571 14.11 -13.28 12.50
N GLY A 572 14.96 -12.37 12.06
CA GLY A 572 14.88 -11.85 10.71
C GLY A 572 15.16 -10.37 10.72
N GLU A 573 14.69 -9.70 9.66
CA GLU A 573 14.73 -8.24 9.67
C GLU A 573 13.78 -7.69 10.71
N ARG A 574 12.67 -8.38 10.97
CA ARG A 574 11.72 -7.99 12.00
C ARG A 574 11.80 -8.88 13.24
N GLY A 575 12.83 -9.71 13.33
CA GLY A 575 13.05 -10.49 14.53
C GLY A 575 13.89 -9.72 15.53
N LEU A 576 15.03 -10.29 15.92
CA LEU A 576 15.98 -9.61 16.79
C LEU A 576 17.19 -9.21 15.95
N MET A 577 17.67 -7.98 16.14
CA MET A 577 18.84 -7.52 15.41
C MET A 577 20.09 -8.24 15.90
N ILE A 578 20.69 -9.04 15.01
CA ILE A 578 21.78 -9.94 15.38
C ILE A 578 23.07 -9.46 14.73
N SER A 579 24.15 -10.17 15.03
CA SER A 579 25.48 -9.85 14.55
C SER A 579 25.87 -10.75 13.38
N GLY A 580 26.73 -10.22 12.51
CA GLY A 580 27.09 -10.92 11.29
C GLY A 580 27.78 -12.24 11.52
N GLY A 581 28.62 -12.33 12.56
CA GLY A 581 29.29 -13.58 12.86
C GLY A 581 28.32 -14.70 13.15
N GLU A 582 27.25 -14.39 13.88
CA GLU A 582 26.22 -15.40 14.11
C GLU A 582 25.45 -15.70 12.83
N LYS A 583 25.37 -14.75 11.89
CA LYS A 583 24.78 -15.05 10.59
C LYS A 583 25.60 -16.09 9.83
N GLN A 584 26.93 -15.93 9.81
CA GLN A 584 27.75 -16.96 9.18
C GLN A 584 27.71 -18.27 9.97
N ARG A 585 27.52 -18.20 11.29
CA ARG A 585 27.30 -19.44 12.04
C ARG A 585 26.01 -20.12 11.59
N LEU A 586 24.95 -19.34 11.35
CA LEU A 586 23.73 -19.90 10.79
C LEU A 586 23.98 -20.53 9.42
N ALA A 587 24.78 -19.85 8.59
CA ALA A 587 25.08 -20.37 7.27
C ALA A 587 25.83 -21.69 7.34
N VAL A 588 26.82 -21.79 8.23
CA VAL A 588 27.58 -23.03 8.30
C VAL A 588 26.75 -24.13 8.95
N SER A 589 25.79 -23.76 9.82
CA SER A 589 24.85 -24.76 10.31
C SER A 589 23.98 -25.30 9.18
N ARG A 590 23.52 -24.40 8.30
CA ARG A 590 22.85 -24.83 7.07
C ARG A 590 23.72 -25.80 6.29
N LEU A 591 25.00 -25.47 6.17
CA LEU A 591 25.94 -26.32 5.44
C LEU A 591 26.06 -27.70 6.07
N ILE A 592 26.10 -27.74 7.40
CA ILE A 592 26.20 -29.01 8.11
C ILE A 592 24.95 -29.83 7.90
N LEU A 593 23.78 -29.19 7.89
CA LEU A 593 22.55 -29.93 7.67
C LEU A 593 22.43 -30.43 6.23
N LYS A 594 23.02 -29.70 5.28
CA LYS A 594 23.04 -30.21 3.90
C LYS A 594 23.87 -31.48 3.77
N ASP A 595 25.03 -31.53 4.43
CA ASP A 595 26.07 -32.52 4.20
C ASP A 595 26.39 -32.67 2.71
N PRO A 596 26.99 -31.66 2.08
CA PRO A 596 27.36 -31.80 0.67
C PRO A 596 28.80 -32.24 0.53
N PRO A 597 29.16 -32.84 -0.60
CA PRO A 597 30.57 -33.13 -0.88
C PRO A 597 31.42 -31.88 -1.01
N LEU A 598 31.01 -30.97 -1.88
CA LEU A 598 31.74 -29.74 -2.18
C LEU A 598 31.34 -28.64 -1.22
N LEU A 599 32.32 -27.93 -0.68
CA LEU A 599 32.04 -26.80 0.21
C LEU A 599 32.70 -25.54 -0.32
N PHE A 600 31.99 -24.42 -0.28
CA PHE A 600 32.51 -23.12 -0.70
C PHE A 600 32.29 -22.12 0.41
N PHE A 601 33.28 -21.26 0.64
CA PHE A 601 33.16 -20.16 1.59
C PHE A 601 33.53 -18.89 0.85
N ASP A 602 32.54 -18.28 0.19
CA ASP A 602 32.82 -17.19 -0.75
C ASP A 602 32.79 -15.88 0.00
N GLN A 603 33.97 -15.33 0.30
CA GLN A 603 34.12 -14.11 1.09
C GLN A 603 33.41 -14.25 2.44
N ALA A 604 33.60 -15.42 3.07
CA ALA A 604 32.91 -15.71 4.31
C ALA A 604 33.40 -14.84 5.46
N THR A 605 34.58 -14.24 5.33
CA THR A 605 35.16 -13.45 6.41
C THR A 605 34.99 -11.95 6.21
N SER A 606 34.22 -11.52 5.21
CA SER A 606 34.14 -10.10 4.86
C SER A 606 33.27 -9.37 5.86
N ALA A 607 33.89 -8.90 6.93
CA ALA A 607 33.26 -8.03 7.91
C ALA A 607 34.30 -7.06 8.50
N LEU A 608 33.93 -6.42 9.61
CA LEU A 608 34.74 -5.34 10.15
C LEU A 608 35.91 -5.84 11.00
N ASP A 609 35.62 -6.51 12.10
CA ASP A 609 36.63 -6.80 13.11
C ASP A 609 37.46 -8.03 12.72
N THR A 610 38.21 -8.58 13.68
CA THR A 610 39.07 -9.73 13.43
C THR A 610 38.89 -10.86 14.44
N HIS A 611 38.68 -10.55 15.73
CA HIS A 611 38.65 -11.60 16.74
C HIS A 611 37.42 -12.49 16.61
N THR A 612 36.26 -11.90 16.34
CA THR A 612 35.11 -12.73 15.97
C THR A 612 35.36 -13.45 14.65
N GLU A 613 36.02 -12.76 13.73
CA GLU A 613 36.40 -13.40 12.47
C GLU A 613 37.34 -14.57 12.69
N GLN A 614 38.34 -14.40 13.56
CA GLN A 614 39.27 -15.52 13.78
C GLN A 614 38.60 -16.64 14.55
N ALA A 615 37.65 -16.32 15.42
CA ALA A 615 36.88 -17.37 16.09
C ALA A 615 36.05 -18.16 15.09
N LEU A 616 35.34 -17.48 14.18
CA LEU A 616 34.53 -18.20 13.20
C LEU A 616 35.39 -18.93 12.17
N MET A 617 36.53 -18.36 11.80
CA MET A 617 37.52 -19.08 10.98
C MET A 617 37.96 -20.37 11.65
N ALA A 618 38.32 -20.31 12.93
CA ALA A 618 38.68 -21.53 13.63
C ALA A 618 37.52 -22.51 13.61
N ASN A 619 36.32 -22.03 13.95
CA ASN A 619 35.13 -22.89 14.06
C ASN A 619 34.89 -23.64 12.75
N ILE A 620 34.85 -22.89 11.64
CA ILE A 620 34.66 -23.53 10.35
C ILE A 620 35.84 -24.42 10.00
N ASN A 621 37.04 -24.14 10.55
CA ASN A 621 38.16 -25.04 10.28
C ASN A 621 37.96 -26.39 10.94
N GLU A 622 37.75 -26.43 12.26
CA GLU A 622 37.54 -27.75 12.89
C GLU A 622 36.27 -28.44 12.42
N VAL A 623 35.31 -27.73 11.83
CA VAL A 623 34.15 -28.44 11.32
C VAL A 623 34.33 -28.82 9.84
N VAL A 624 35.29 -28.23 9.14
CA VAL A 624 35.42 -28.50 7.70
C VAL A 624 36.60 -29.43 7.42
N LYS A 625 37.80 -29.04 7.79
CA LYS A 625 38.84 -30.06 7.84
C LYS A 625 38.56 -30.97 9.04
N GLU A 626 39.04 -32.21 8.94
CA GLU A 626 38.68 -33.36 9.77
C GLU A 626 37.23 -33.74 9.54
N LYS A 627 36.66 -33.34 8.41
CA LYS A 627 35.33 -33.78 8.00
C LYS A 627 35.38 -34.32 6.56
N LYS A 628 36.57 -34.36 5.98
CA LYS A 628 36.91 -35.08 4.73
C LYS A 628 35.99 -34.70 3.57
N ARG A 629 35.81 -33.39 3.38
CA ARG A 629 35.15 -32.85 2.20
C ARG A 629 36.06 -31.83 1.55
N THR A 630 36.09 -31.81 0.22
CA THR A 630 36.84 -30.78 -0.50
C THR A 630 36.18 -29.42 -0.34
N ALA A 631 36.99 -28.42 -0.01
CA ALA A 631 36.50 -27.11 0.39
C ALA A 631 37.32 -26.00 -0.27
N LEU A 632 36.63 -25.02 -0.82
CA LEU A 632 37.23 -23.88 -1.50
C LEU A 632 36.90 -22.62 -0.72
N PHE A 633 37.90 -22.04 -0.07
CA PHE A 633 37.70 -20.72 0.48
C PHE A 633 37.90 -19.69 -0.61
N VAL A 634 37.30 -18.52 -0.42
CA VAL A 634 37.50 -17.39 -1.31
C VAL A 634 37.67 -16.16 -0.42
N ALA A 635 38.80 -15.48 -0.53
CA ALA A 635 39.03 -14.28 0.26
C ALA A 635 40.03 -13.38 -0.45
N HIS A 636 39.79 -12.08 -0.38
CA HIS A 636 40.79 -11.09 -0.72
C HIS A 636 41.57 -10.63 0.50
N ARG A 637 41.25 -11.18 1.68
CA ARG A 637 42.00 -10.99 2.91
C ARG A 637 42.79 -12.27 3.16
N LEU A 638 44.02 -12.31 2.66
CA LEU A 638 44.81 -13.53 2.73
C LEU A 638 45.56 -13.68 4.05
N ARG A 639 45.65 -12.63 4.86
CA ARG A 639 46.14 -12.78 6.22
C ARG A 639 45.20 -13.64 7.06
N THR A 640 43.97 -13.84 6.61
CA THR A 640 43.06 -14.78 7.24
C THR A 640 43.26 -16.21 6.76
N ILE A 641 43.73 -16.43 5.54
CA ILE A 641 43.69 -17.77 4.97
C ILE A 641 45.12 -18.20 4.62
N TYR A 642 46.09 -17.52 5.22
CA TYR A 642 47.49 -17.78 4.90
C TYR A 642 47.92 -19.19 5.31
N ASP A 643 47.24 -19.78 6.29
CA ASP A 643 47.56 -21.13 6.76
C ASP A 643 46.67 -22.21 6.16
N ALA A 644 46.19 -22.00 4.93
CA ALA A 644 45.39 -23.04 4.29
C ALA A 644 46.30 -24.08 3.65
N ASP A 645 45.68 -25.07 3.02
CA ASP A 645 46.42 -26.20 2.45
C ASP A 645 47.00 -25.86 1.08
N LEU A 646 46.16 -25.42 0.14
CA LEU A 646 46.63 -25.07 -1.20
C LEU A 646 46.15 -23.66 -1.52
N ILE A 647 47.03 -22.84 -2.08
CA ILE A 647 46.74 -21.43 -2.37
C ILE A 647 46.91 -21.19 -3.86
N ILE A 648 45.96 -20.44 -4.44
CA ILE A 648 46.11 -19.92 -5.80
C ILE A 648 45.79 -18.43 -5.78
N VAL A 649 46.39 -17.70 -6.70
CA VAL A 649 46.23 -16.26 -6.77
C VAL A 649 45.89 -15.86 -8.20
N LEU A 650 45.02 -14.86 -8.34
CA LEU A 650 44.52 -14.37 -9.61
C LEU A 650 44.81 -12.89 -9.70
N LYS A 651 45.49 -12.49 -10.78
CA LYS A 651 45.71 -11.09 -11.10
C LYS A 651 44.97 -10.77 -12.38
N GLU A 652 44.06 -9.78 -12.32
CA GLU A 652 43.44 -9.17 -13.50
C GLU A 652 42.79 -10.20 -14.42
N GLY A 653 42.25 -11.26 -13.82
CA GLY A 653 41.55 -12.27 -14.57
C GLY A 653 42.37 -13.45 -15.04
N VAL A 654 43.62 -13.60 -14.60
CA VAL A 654 44.41 -14.77 -14.94
C VAL A 654 45.07 -15.30 -13.67
N VAL A 655 45.11 -16.63 -13.54
CA VAL A 655 45.81 -17.27 -12.44
C VAL A 655 47.31 -17.09 -12.64
N VAL A 656 48.00 -16.58 -11.62
CA VAL A 656 49.41 -16.22 -11.73
C VAL A 656 50.30 -17.20 -10.97
N GLU A 657 50.10 -17.32 -9.66
CA GLU A 657 50.94 -18.17 -8.82
C GLU A 657 50.08 -19.20 -8.11
N GLN A 658 50.63 -20.41 -7.95
CA GLN A 658 49.91 -21.51 -7.34
C GLN A 658 50.89 -22.35 -6.55
N GLY A 659 50.68 -22.42 -5.24
CA GLY A 659 51.62 -23.15 -4.39
C GLY A 659 51.31 -22.89 -2.92
N SER A 660 52.33 -23.08 -2.09
CA SER A 660 52.19 -22.98 -0.65
C SER A 660 52.26 -21.53 -0.19
N HIS A 661 52.33 -21.35 1.13
CA HIS A 661 52.36 -20.02 1.74
C HIS A 661 53.73 -19.36 1.57
N ARG A 662 54.81 -20.12 1.72
CA ARG A 662 56.15 -19.54 1.65
C ARG A 662 56.47 -19.05 0.26
N GLU A 663 55.99 -19.75 -0.78
CA GLU A 663 56.21 -19.29 -2.14
C GLU A 663 55.39 -18.04 -2.43
N LEU A 664 54.21 -17.92 -1.82
CA LEU A 664 53.44 -16.68 -1.89
C LEU A 664 54.10 -15.54 -1.14
N MET A 665 54.94 -15.84 -0.14
CA MET A 665 55.51 -14.80 0.71
C MET A 665 56.39 -13.81 -0.05
N GLU A 666 56.91 -14.16 -1.23
CA GLU A 666 57.65 -13.18 -2.02
C GLU A 666 56.74 -12.09 -2.56
N ARG A 667 55.47 -12.41 -2.78
CA ARG A 667 54.45 -11.42 -3.10
C ARG A 667 53.85 -10.94 -1.78
N ASP A 668 52.79 -10.13 -1.82
CA ASP A 668 52.13 -9.70 -0.60
C ASP A 668 51.49 -10.89 0.10
N GLY A 669 51.13 -10.67 1.37
CA GLY A 669 50.70 -11.73 2.25
C GLY A 669 51.20 -11.40 3.64
N VAL A 670 52.11 -10.43 3.71
CA VAL A 670 52.51 -9.82 4.97
C VAL A 670 51.39 -8.90 5.40
N TYR A 671 51.39 -8.49 6.67
CA TYR A 671 50.34 -7.63 7.21
C TYR A 671 50.55 -6.16 6.86
N ALA A 672 51.41 -5.88 5.88
CA ALA A 672 51.84 -4.51 5.60
C ALA A 672 50.72 -3.62 5.08
N GLU A 673 49.59 -4.20 4.69
CA GLU A 673 48.43 -3.43 4.26
C GLU A 673 47.60 -2.88 5.43
N LEU A 674 48.12 -2.95 6.65
CA LEU A 674 47.44 -2.45 7.85
C LEU A 674 47.98 -1.09 8.26
N TRP A 675 48.30 -0.23 7.28
CA TRP A 675 48.86 1.09 7.58
C TRP A 675 47.87 1.96 8.35
N MET A 676 46.61 1.93 7.93
CA MET A 676 45.58 2.81 8.51
C MET A 676 45.22 2.41 9.93
N ALA B 95 -20.45 6.87 19.57
CA ALA B 95 -20.46 6.91 18.11
C ALA B 95 -21.27 8.10 17.61
N ILE B 96 -22.13 8.63 18.49
CA ILE B 96 -22.98 9.75 18.11
C ILE B 96 -22.29 11.07 18.43
N ILE B 97 -21.30 11.03 19.33
CA ILE B 97 -20.56 12.24 19.70
C ILE B 97 -19.72 12.74 18.51
N LYS B 98 -19.11 11.82 17.78
CA LYS B 98 -18.35 12.20 16.59
C LYS B 98 -19.27 12.78 15.53
N GLN B 99 -20.47 12.20 15.42
CA GLN B 99 -21.46 12.75 14.49
C GLN B 99 -21.89 14.14 14.90
N MET B 100 -21.99 14.40 16.22
CA MET B 100 -22.29 15.76 16.67
C MET B 100 -21.18 16.73 16.27
N SER B 101 -19.93 16.36 16.54
CA SER B 101 -18.81 17.27 16.26
C SER B 101 -18.70 17.56 14.77
N ARG B 102 -18.84 16.54 13.94
CA ARG B 102 -18.62 16.74 12.51
C ARG B 102 -19.91 17.14 11.80
N TYR B 103 -21.03 17.18 12.52
CA TYR B 103 -22.12 18.02 12.02
C TYR B 103 -21.86 19.47 12.33
N LEU B 104 -21.34 19.76 13.51
CA LEU B 104 -21.16 21.14 13.93
C LEU B 104 -20.14 21.88 13.08
N TRP B 105 -19.01 21.24 12.74
CA TRP B 105 -17.90 22.01 12.20
C TRP B 105 -18.09 22.52 10.77
N PRO B 106 -18.55 21.72 9.77
CA PRO B 106 -18.60 22.27 8.41
C PRO B 106 -19.71 23.30 8.20
N LYS B 107 -19.30 24.57 8.29
CA LYS B 107 -20.11 25.78 8.14
C LYS B 107 -19.16 26.97 8.08
N ASP B 108 -19.70 28.18 8.27
CA ASP B 108 -19.02 29.42 8.69
C ASP B 108 -18.32 30.15 7.55
N SER B 109 -18.32 29.62 6.34
CA SER B 109 -17.96 30.39 5.16
C SER B 109 -19.25 30.73 4.41
N TRP B 110 -19.15 31.68 3.48
CA TRP B 110 -20.38 32.06 2.79
C TRP B 110 -20.66 31.21 1.57
N SER B 111 -19.65 30.97 0.73
CA SER B 111 -19.89 30.10 -0.42
C SER B 111 -20.07 28.66 0.02
N ASP B 112 -19.40 28.27 1.11
CA ASP B 112 -19.64 26.97 1.71
C ASP B 112 -21.10 26.81 2.13
N LYS B 113 -21.63 27.78 2.88
CA LYS B 113 -23.01 27.64 3.32
C LYS B 113 -23.99 27.80 2.18
N ALA B 114 -23.60 28.58 1.17
CA ALA B 114 -24.43 28.69 -0.03
C ALA B 114 -24.57 27.35 -0.73
N ARG B 115 -23.47 26.64 -0.93
CA ARG B 115 -23.60 25.40 -1.68
C ARG B 115 -24.07 24.26 -0.79
N VAL B 116 -24.01 24.40 0.54
CA VAL B 116 -24.67 23.36 1.33
C VAL B 116 -26.17 23.61 1.37
N LEU B 117 -26.60 24.87 1.26
CA LEU B 117 -28.02 25.12 1.05
C LEU B 117 -28.48 24.57 -0.27
N LEU B 118 -27.67 24.74 -1.32
CA LEU B 118 -28.04 24.19 -2.62
C LEU B 118 -28.06 22.66 -2.59
N ALA B 119 -27.14 22.04 -1.86
CA ALA B 119 -27.16 20.60 -1.72
C ALA B 119 -28.42 20.12 -1.01
N LEU B 120 -28.82 20.80 0.06
CA LEU B 120 -30.04 20.37 0.76
C LEU B 120 -31.28 20.63 -0.07
N SER B 121 -31.32 21.75 -0.79
CA SER B 121 -32.43 22.04 -1.68
C SER B 121 -32.58 20.98 -2.76
N LEU B 122 -31.47 20.57 -3.37
CA LEU B 122 -31.53 19.50 -4.35
C LEU B 122 -31.84 18.16 -3.73
N LEU B 123 -31.46 17.92 -2.48
CA LEU B 123 -31.86 16.70 -1.80
C LEU B 123 -33.37 16.60 -1.71
N VAL B 124 -34.01 17.64 -1.18
CA VAL B 124 -35.46 17.60 -0.99
C VAL B 124 -36.19 17.63 -2.31
N GLY B 125 -35.73 18.45 -3.26
CA GLY B 125 -36.33 18.43 -4.57
C GLY B 125 -36.17 17.11 -5.29
N GLY B 126 -35.04 16.44 -5.09
CA GLY B 126 -34.84 15.15 -5.71
C GLY B 126 -35.76 14.10 -5.15
N LYS B 127 -35.97 14.11 -3.84
CA LYS B 127 -36.86 13.11 -3.29
C LYS B 127 -38.33 13.40 -3.64
N VAL B 128 -38.68 14.68 -3.80
CA VAL B 128 -40.02 15.01 -4.24
C VAL B 128 -40.26 14.56 -5.68
N LEU B 129 -39.32 14.88 -6.58
CA LEU B 129 -39.45 14.44 -7.95
C LEU B 129 -39.31 12.93 -8.08
N ASN B 130 -38.70 12.29 -7.10
CA ASN B 130 -38.62 10.84 -7.11
C ASN B 130 -39.95 10.22 -6.76
N VAL B 131 -40.63 10.77 -5.77
CA VAL B 131 -41.89 10.17 -5.37
C VAL B 131 -43.00 10.55 -6.34
N HIS B 132 -42.81 11.60 -7.13
CA HIS B 132 -43.82 11.89 -8.15
C HIS B 132 -43.76 10.95 -9.34
N VAL B 133 -42.75 10.10 -9.47
CA VAL B 133 -42.72 9.16 -10.60
C VAL B 133 -43.84 8.13 -10.49
N PRO B 134 -44.03 7.41 -9.37
CA PRO B 134 -45.16 6.48 -9.32
C PRO B 134 -46.51 7.14 -9.42
N PHE B 135 -46.66 8.40 -9.02
CA PHE B 135 -47.96 9.03 -9.17
C PHE B 135 -48.26 9.36 -10.62
N TYR B 136 -47.26 9.77 -11.39
CA TYR B 136 -47.51 9.97 -12.81
C TYR B 136 -47.68 8.65 -13.52
N PHE B 137 -47.07 7.59 -13.02
CA PHE B 137 -47.30 6.27 -13.61
C PHE B 137 -48.71 5.79 -13.30
N ARG B 138 -49.21 6.09 -12.11
CA ARG B 138 -50.60 5.86 -11.79
C ARG B 138 -51.52 6.63 -12.72
N GLU B 139 -51.18 7.87 -13.03
CA GLU B 139 -52.05 8.66 -13.89
C GLU B 139 -52.02 8.16 -15.33
N ILE B 140 -50.87 7.72 -15.82
CA ILE B 140 -50.80 7.13 -17.16
C ILE B 140 -51.64 5.86 -17.21
N ILE B 141 -51.53 5.01 -16.20
CA ILE B 141 -52.32 3.79 -16.17
C ILE B 141 -53.81 4.12 -16.11
N ASP B 142 -54.20 5.02 -15.22
CA ASP B 142 -55.60 5.29 -14.95
C ASP B 142 -56.25 6.20 -15.98
N ARG B 143 -55.49 6.82 -16.86
CA ARG B 143 -56.08 7.60 -17.92
C ARG B 143 -56.29 6.81 -19.19
N LEU B 144 -55.55 5.73 -19.36
CA LEU B 144 -55.76 4.83 -20.48
C LEU B 144 -56.59 3.62 -20.10
N ASN B 145 -57.08 3.55 -18.87
CA ASN B 145 -57.95 2.46 -18.43
C ASN B 145 -59.41 2.74 -18.72
N ILE B 146 -59.71 3.85 -19.38
CA ILE B 146 -61.07 4.12 -19.84
C ILE B 146 -61.40 3.12 -20.93
N ASP B 147 -62.68 2.82 -21.10
CA ASP B 147 -63.09 2.01 -22.23
C ASP B 147 -62.86 2.78 -23.53
N VAL B 148 -62.32 2.09 -24.54
CA VAL B 148 -61.97 2.79 -25.77
C VAL B 148 -63.22 3.19 -26.55
N ALA B 149 -64.39 2.67 -26.13
CA ALA B 149 -65.65 3.17 -26.69
C ALA B 149 -65.93 4.60 -26.23
N ALA B 150 -65.21 5.06 -25.22
CA ALA B 150 -65.26 6.46 -24.81
C ALA B 150 -64.42 7.30 -25.76
N VAL B 151 -64.09 8.52 -25.33
CA VAL B 151 -63.49 9.59 -26.14
C VAL B 151 -62.38 9.10 -27.08
N GLY B 152 -61.50 8.23 -26.61
CA GLY B 152 -60.40 7.75 -27.43
C GLY B 152 -59.52 8.89 -27.90
N GLY B 153 -59.11 8.82 -29.15
CA GLY B 153 -58.40 9.91 -29.77
C GLY B 153 -56.90 9.70 -29.67
N THR B 154 -56.18 10.81 -29.78
CA THR B 154 -54.73 10.79 -29.79
C THR B 154 -54.20 10.61 -28.38
N VAL B 155 -52.94 10.19 -28.29
CA VAL B 155 -52.28 10.07 -26.99
C VAL B 155 -52.05 11.44 -26.38
N SER B 156 -51.80 12.45 -27.21
CA SER B 156 -51.59 13.81 -26.72
C SER B 156 -52.81 14.31 -25.95
N ALA B 157 -54.00 14.01 -26.44
CA ALA B 157 -55.21 14.46 -25.77
C ALA B 157 -55.49 13.66 -24.51
N VAL B 158 -55.33 12.34 -24.57
CA VAL B 158 -55.70 11.51 -23.42
C VAL B 158 -54.66 11.63 -22.33
N ALA B 159 -53.46 11.16 -22.59
CA ALA B 159 -52.40 11.24 -21.61
C ALA B 159 -51.07 11.52 -22.28
N GLY B 160 -50.72 12.78 -22.46
CA GLY B 160 -49.43 13.13 -22.98
C GLY B 160 -48.71 13.98 -21.96
N ALA B 161 -49.50 14.76 -21.23
CA ALA B 161 -48.96 15.54 -20.13
C ALA B 161 -48.35 14.64 -19.08
N VAL B 162 -49.03 13.56 -18.72
CA VAL B 162 -48.51 12.73 -17.65
C VAL B 162 -47.41 11.81 -18.13
N ILE B 163 -47.38 11.49 -19.42
CA ILE B 163 -46.23 10.74 -19.93
C ILE B 163 -44.97 11.59 -19.91
N PHE B 164 -45.07 12.84 -20.39
CA PHE B 164 -43.93 13.73 -20.32
C PHE B 164 -43.57 14.03 -18.87
N ALA B 165 -44.56 14.06 -17.99
CA ALA B 165 -44.25 14.30 -16.59
C ALA B 165 -43.59 13.09 -15.95
N TYR B 166 -43.93 11.88 -16.38
CA TYR B 166 -43.21 10.70 -15.90
C TYR B 166 -41.75 10.76 -16.33
N GLY B 167 -41.51 11.11 -17.58
CA GLY B 167 -40.13 11.23 -18.04
C GLY B 167 -39.37 12.31 -17.32
N ALA B 168 -39.99 13.48 -17.17
CA ALA B 168 -39.34 14.59 -16.51
C ALA B 168 -39.10 14.29 -15.04
N SER B 169 -40.02 13.62 -14.37
CA SER B 169 -39.82 13.29 -12.97
C SER B 169 -38.69 12.30 -12.79
N ARG B 170 -38.58 11.30 -13.66
CA ARG B 170 -37.43 10.39 -13.56
C ARG B 170 -36.11 11.12 -13.78
N ILE B 171 -36.04 11.89 -14.88
CA ILE B 171 -34.80 12.60 -15.21
C ILE B 171 -34.45 13.59 -14.11
N GLY B 172 -35.41 14.37 -13.64
CA GLY B 172 -35.13 15.34 -12.61
C GLY B 172 -34.76 14.70 -11.29
N ALA B 173 -35.38 13.57 -10.97
CA ALA B 173 -35.10 12.92 -9.70
C ALA B 173 -33.74 12.28 -9.65
N VAL B 174 -33.15 11.98 -10.80
CA VAL B 174 -31.76 11.51 -10.78
C VAL B 174 -30.76 12.62 -11.02
N VAL B 175 -31.10 13.64 -11.79
CA VAL B 175 -30.21 14.78 -11.95
C VAL B 175 -30.09 15.56 -10.65
N SER B 176 -31.13 15.58 -9.83
CA SER B 176 -31.01 16.23 -8.53
C SER B 176 -30.12 15.43 -7.59
N GLN B 177 -30.18 14.10 -7.66
CA GLN B 177 -29.23 13.27 -6.92
C GLN B 177 -27.80 13.59 -7.34
N GLU B 178 -27.55 13.60 -8.63
CA GLU B 178 -26.18 13.77 -9.07
C GLU B 178 -25.69 15.18 -8.84
N LEU B 179 -26.59 16.15 -8.87
CA LEU B 179 -26.18 17.51 -8.58
C LEU B 179 -25.96 17.74 -7.10
N ARG B 180 -26.71 17.07 -6.22
CA ARG B 180 -26.40 17.25 -4.80
C ARG B 180 -25.08 16.58 -4.48
N ASN B 181 -24.74 15.49 -5.18
CA ASN B 181 -23.44 14.88 -4.93
C ASN B 181 -22.32 15.76 -5.43
N ALA B 182 -22.45 16.28 -6.65
CA ALA B 182 -21.41 17.13 -7.21
C ALA B 182 -21.25 18.43 -6.42
N VAL B 183 -22.33 18.88 -5.76
CA VAL B 183 -22.24 20.14 -5.03
C VAL B 183 -21.73 19.92 -3.61
N PHE B 184 -22.15 18.85 -2.94
CA PHE B 184 -21.64 18.61 -1.60
C PHE B 184 -20.24 18.03 -1.59
N SER B 185 -19.73 17.53 -2.73
CA SER B 185 -18.37 17.04 -2.72
C SER B 185 -17.36 18.17 -2.55
N SER B 186 -17.68 19.36 -3.05
CA SER B 186 -16.80 20.50 -2.82
C SER B 186 -16.68 20.81 -1.33
N VAL B 187 -17.81 20.81 -0.62
CA VAL B 187 -17.81 21.07 0.81
C VAL B 187 -17.00 20.02 1.54
N ALA B 188 -17.23 18.75 1.20
CA ALA B 188 -16.50 17.68 1.86
C ALA B 188 -15.00 17.81 1.66
N GLN B 189 -14.56 18.04 0.42
CA GLN B 189 -13.12 18.10 0.15
C GLN B 189 -12.47 19.31 0.80
N LYS B 190 -13.14 20.46 0.81
CA LYS B 190 -12.52 21.61 1.46
C LYS B 190 -12.41 21.42 2.96
N ALA B 191 -13.42 20.81 3.58
CA ALA B 191 -13.31 20.51 5.01
C ALA B 191 -12.18 19.54 5.28
N ILE B 192 -11.99 18.54 4.41
CA ILE B 192 -10.90 17.59 4.57
C ILE B 192 -9.56 18.28 4.47
N ARG B 193 -9.39 19.17 3.49
CA ARG B 193 -8.10 19.85 3.34
C ARG B 193 -7.79 20.69 4.57
N ARG B 194 -8.77 21.42 5.09
CA ARG B 194 -8.44 22.29 6.22
C ARG B 194 -8.22 21.47 7.50
N VAL B 195 -8.95 20.37 7.68
CA VAL B 195 -8.71 19.52 8.85
C VAL B 195 -7.34 18.86 8.79
N ALA B 196 -6.96 18.35 7.62
CA ALA B 196 -5.67 17.68 7.51
C ALA B 196 -4.54 18.67 7.69
N THR B 197 -4.70 19.89 7.19
CA THR B 197 -3.68 20.90 7.42
C THR B 197 -3.57 21.28 8.90
N GLN B 198 -4.71 21.44 9.59
CA GLN B 198 -4.66 21.77 11.00
C GLN B 198 -4.01 20.66 11.81
N THR B 199 -4.34 19.40 11.52
CA THR B 199 -3.73 18.29 12.22
C THR B 199 -2.24 18.21 11.95
N PHE B 200 -1.82 18.47 10.71
CA PHE B 200 -0.40 18.43 10.38
C PHE B 200 0.36 19.52 11.11
N GLY B 201 -0.20 20.72 11.17
CA GLY B 201 0.43 21.79 11.93
C GLY B 201 0.52 21.47 13.41
N HIS B 202 -0.53 20.85 13.95
CA HIS B 202 -0.49 20.39 15.33
C HIS B 202 0.63 19.40 15.55
N LEU B 203 0.75 18.40 14.67
CA LEU B 203 1.83 17.42 14.79
C LEU B 203 3.19 18.09 14.78
N LEU B 204 3.41 19.02 13.86
CA LEU B 204 4.71 19.67 13.81
C LEU B 204 4.94 20.55 15.04
N ASN B 205 3.88 20.97 15.71
CA ASN B 205 4.07 21.73 16.94
C ASN B 205 4.25 20.86 18.17
N LEU B 206 4.07 19.54 18.06
CA LEU B 206 4.30 18.66 19.21
C LEU B 206 5.79 18.48 19.47
N ASP B 207 6.10 17.56 20.37
CA ASP B 207 7.41 17.58 21.00
C ASP B 207 8.17 16.29 20.70
N LEU B 208 9.50 16.34 20.93
CA LEU B 208 10.39 15.27 20.51
C LEU B 208 10.12 13.95 21.21
N SER B 209 9.69 13.97 22.47
CA SER B 209 9.33 12.72 23.13
C SER B 209 8.20 12.02 22.38
N PHE B 210 7.23 12.80 21.91
CA PHE B 210 6.17 12.22 21.09
C PHE B 210 6.70 11.71 19.77
N HIS B 211 7.50 12.51 19.07
CA HIS B 211 7.93 12.12 17.73
C HIS B 211 8.99 11.03 17.73
N LEU B 212 9.54 10.71 18.88
CA LEU B 212 10.39 9.53 19.01
C LEU B 212 9.65 8.34 19.60
N SER B 213 8.52 8.58 20.27
CA SER B 213 7.68 7.48 20.74
C SER B 213 7.08 6.71 19.57
N LYS B 214 6.46 7.43 18.63
CA LYS B 214 5.60 6.82 17.62
C LYS B 214 6.24 6.90 16.24
N GLN B 215 6.05 5.86 15.45
CA GLN B 215 6.55 5.82 14.08
C GLN B 215 5.82 6.84 13.22
N THR B 216 6.58 7.56 12.37
CA THR B 216 6.00 8.64 11.58
C THR B 216 5.02 8.13 10.55
N GLY B 217 5.27 6.96 9.97
CA GLY B 217 4.32 6.37 9.04
C GLY B 217 2.97 6.14 9.67
N GLY B 218 2.96 5.73 10.94
CA GLY B 218 1.71 5.57 11.65
C GLY B 218 0.95 6.87 11.79
N LEU B 219 1.65 7.94 12.12
CA LEU B 219 0.99 9.24 12.27
C LEU B 219 0.45 9.75 10.93
N THR B 220 1.22 9.57 9.85
CA THR B 220 0.74 10.10 8.58
C THR B 220 -0.40 9.24 8.02
N ARG B 221 -0.41 7.94 8.32
CA ARG B 221 -1.57 7.14 7.94
C ARG B 221 -2.76 7.48 8.80
N ALA B 222 -2.51 7.90 10.05
CA ALA B 222 -3.60 8.36 10.90
C ALA B 222 -4.24 9.61 10.33
N ILE B 223 -3.43 10.57 9.88
CA ILE B 223 -3.99 11.78 9.27
C ILE B 223 -4.74 11.43 8.00
N ASP B 224 -4.11 10.62 7.14
CA ASP B 224 -4.73 10.28 5.86
C ASP B 224 -6.06 9.56 6.06
N ARG B 225 -6.07 8.51 6.86
CA ARG B 225 -7.27 7.71 7.00
C ARG B 225 -8.31 8.41 7.86
N GLY B 226 -7.91 9.24 8.82
CA GLY B 226 -8.88 10.02 9.55
C GLY B 226 -9.56 11.07 8.69
N THR B 227 -8.83 11.68 7.77
CA THR B 227 -9.48 12.66 6.91
C THR B 227 -10.30 11.99 5.82
N LYS B 228 -9.88 10.83 5.33
CA LYS B 228 -10.80 10.10 4.44
C LYS B 228 -12.02 9.63 5.20
N GLY B 229 -11.87 9.35 6.50
CA GLY B 229 -13.03 8.99 7.31
C GLY B 229 -13.99 10.14 7.51
N ILE B 230 -13.48 11.34 7.71
CA ILE B 230 -14.35 12.50 7.84
C ILE B 230 -15.01 12.80 6.50
N SER B 231 -14.27 12.63 5.40
CA SER B 231 -14.85 12.81 4.09
C SER B 231 -15.98 11.83 3.85
N TYR B 232 -15.77 10.57 4.22
CA TYR B 232 -16.86 9.61 4.08
C TYR B 232 -17.99 9.87 5.05
N LEU B 233 -17.74 10.46 6.20
CA LEU B 233 -18.87 10.78 7.06
C LEU B 233 -19.75 11.86 6.50
N LEU B 234 -19.18 12.96 6.02
CA LEU B 234 -20.00 13.98 5.38
C LEU B 234 -20.65 13.45 4.10
N THR B 235 -19.85 12.79 3.26
CA THR B 235 -20.34 12.24 2.01
C THR B 235 -21.45 11.22 2.24
N SER B 236 -21.27 10.28 3.16
CA SER B 236 -22.28 9.30 3.46
C SER B 236 -23.51 9.89 4.10
N MET B 237 -23.38 10.78 5.07
CA MET B 237 -24.54 11.38 5.68
C MET B 237 -25.36 12.22 4.72
N VAL B 238 -24.76 12.77 3.68
CA VAL B 238 -25.56 13.52 2.71
C VAL B 238 -25.98 12.70 1.50
N PHE B 239 -25.29 11.61 1.20
CA PHE B 239 -25.65 10.82 0.03
C PHE B 239 -26.59 9.68 0.35
N HIS B 240 -26.38 8.98 1.46
CA HIS B 240 -27.09 7.74 1.72
C HIS B 240 -27.95 7.81 2.97
N ILE B 241 -27.40 8.18 4.13
CA ILE B 241 -28.13 8.00 5.38
C ILE B 241 -29.32 8.94 5.48
N VAL B 242 -29.14 10.20 5.11
CA VAL B 242 -30.23 11.19 5.22
C VAL B 242 -31.23 11.05 4.08
N PRO B 243 -30.86 11.00 2.80
CA PRO B 243 -31.90 10.96 1.77
C PRO B 243 -32.77 9.74 1.80
N THR B 244 -32.23 8.57 2.12
CA THR B 244 -33.12 7.41 2.11
C THR B 244 -34.00 7.40 3.36
N ALA B 245 -33.58 8.07 4.43
CA ALA B 245 -34.46 8.20 5.58
C ALA B 245 -35.56 9.21 5.30
N LEU B 246 -35.23 10.26 4.56
CA LEU B 246 -36.26 11.20 4.12
C LEU B 246 -37.24 10.53 3.19
N GLU B 247 -36.75 9.67 2.30
CA GLU B 247 -37.66 9.03 1.35
C GLU B 247 -38.50 7.97 2.04
N ILE B 248 -37.96 7.28 3.04
CA ILE B 248 -38.78 6.36 3.83
C ILE B 248 -39.86 7.13 4.56
N GLY B 249 -39.53 8.30 5.09
CA GLY B 249 -40.55 9.12 5.71
C GLY B 249 -41.65 9.54 4.75
N MET B 250 -41.27 9.99 3.56
CA MET B 250 -42.29 10.45 2.62
C MET B 250 -43.13 9.30 2.09
N VAL B 251 -42.52 8.13 1.89
CA VAL B 251 -43.30 6.99 1.43
C VAL B 251 -44.24 6.45 2.50
N CYS B 252 -43.82 6.39 3.76
CA CYS B 252 -44.76 6.04 4.82
C CYS B 252 -45.79 7.13 5.04
N GLY B 253 -45.54 8.36 4.59
CA GLY B 253 -46.55 9.39 4.70
C GLY B 253 -47.58 9.35 3.61
N ILE B 254 -47.16 9.10 2.37
CA ILE B 254 -48.10 9.02 1.27
C ILE B 254 -48.93 7.77 1.31
N LEU B 255 -48.34 6.63 1.64
CA LEU B 255 -49.08 5.41 1.81
C LEU B 255 -50.02 5.47 3.00
N THR B 256 -49.80 6.36 3.96
CA THR B 256 -50.79 6.65 4.97
C THR B 256 -51.89 7.56 4.48
N TYR B 257 -51.54 8.61 3.76
CA TYR B 257 -52.53 9.58 3.31
C TYR B 257 -53.49 8.98 2.30
N GLN B 258 -53.05 8.01 1.52
CA GLN B 258 -53.88 7.51 0.45
C GLN B 258 -54.47 6.12 0.70
N PHE B 259 -53.78 5.25 1.43
CA PHE B 259 -54.22 3.87 1.52
C PHE B 259 -54.42 3.38 2.95
N GLY B 260 -54.03 4.15 3.94
CA GLY B 260 -54.23 3.75 5.32
C GLY B 260 -52.94 3.44 6.03
N TRP B 261 -53.08 3.12 7.32
CA TRP B 261 -51.89 2.80 8.09
C TRP B 261 -51.43 1.36 7.88
N GLU B 262 -52.23 0.54 7.20
CA GLU B 262 -51.78 -0.79 6.82
C GLU B 262 -50.48 -0.70 6.02
N PHE B 263 -50.46 0.15 5.01
CA PHE B 263 -49.36 0.17 4.07
C PHE B 263 -48.15 0.87 4.65
N ALA B 264 -48.38 1.91 5.45
CA ALA B 264 -47.26 2.50 6.16
C ALA B 264 -46.66 1.54 7.16
N ALA B 265 -47.50 0.77 7.85
CA ALA B 265 -46.99 -0.20 8.81
C ALA B 265 -46.15 -1.26 8.09
N ILE B 266 -46.61 -1.72 6.93
CA ILE B 266 -45.86 -2.73 6.20
C ILE B 266 -44.53 -2.18 5.71
N THR B 267 -44.51 -0.97 5.15
CA THR B 267 -43.23 -0.47 4.68
C THR B 267 -42.29 -0.07 5.82
N ALA B 268 -42.82 0.35 6.97
CA ALA B 268 -41.95 0.65 8.09
C ALA B 268 -41.40 -0.61 8.73
N ALA B 269 -42.22 -1.66 8.83
CA ALA B 269 -41.70 -2.93 9.33
C ALA B 269 -40.71 -3.53 8.35
N THR B 270 -40.93 -3.31 7.05
CA THR B 270 -39.98 -3.74 6.05
C THR B 270 -38.64 -3.04 6.21
N MET B 271 -38.64 -1.73 6.42
CA MET B 271 -37.37 -1.04 6.58
C MET B 271 -36.70 -1.38 7.90
N ALA B 272 -37.49 -1.59 8.95
CA ALA B 272 -36.90 -2.03 10.21
C ALA B 272 -36.25 -3.39 10.05
N ALA B 273 -36.92 -4.33 9.37
CA ALA B 273 -36.37 -5.67 9.24
C ALA B 273 -35.21 -5.70 8.27
N TYR B 274 -35.31 -4.96 7.17
CA TYR B 274 -34.22 -4.87 6.21
C TYR B 274 -33.00 -4.25 6.83
N THR B 275 -33.16 -3.20 7.64
CA THR B 275 -32.00 -2.56 8.24
C THR B 275 -31.42 -3.42 9.36
N ALA B 276 -32.25 -4.05 10.18
CA ALA B 276 -31.72 -4.94 11.19
C ALA B 276 -30.96 -6.09 10.56
N PHE B 277 -31.52 -6.68 9.50
CA PHE B 277 -30.86 -7.78 8.82
C PHE B 277 -29.56 -7.33 8.18
N THR B 278 -29.57 -6.23 7.44
CA THR B 278 -28.38 -5.81 6.73
C THR B 278 -27.28 -5.37 7.68
N ILE B 279 -27.63 -4.69 8.77
CA ILE B 279 -26.63 -4.30 9.75
C ILE B 279 -26.01 -5.53 10.42
N THR B 280 -26.85 -6.50 10.82
CA THR B 280 -26.32 -7.68 11.48
C THR B 280 -25.45 -8.51 10.53
N THR B 281 -25.90 -8.69 9.28
CA THR B 281 -25.14 -9.50 8.36
C THR B 281 -23.86 -8.80 7.91
N THR B 282 -23.88 -7.47 7.76
CA THR B 282 -22.65 -6.82 7.36
C THR B 282 -21.67 -6.67 8.52
N ALA B 283 -22.14 -6.67 9.76
CA ALA B 283 -21.23 -6.78 10.89
C ALA B 283 -20.64 -8.17 10.99
N TRP B 284 -21.42 -9.20 10.69
CA TRP B 284 -20.92 -10.56 10.69
C TRP B 284 -19.97 -10.81 9.53
N ARG B 285 -20.16 -10.10 8.42
CA ARG B 285 -19.43 -10.32 7.18
C ARG B 285 -18.13 -9.55 7.09
N THR B 286 -18.00 -8.42 7.79
CA THR B 286 -16.75 -7.67 7.70
C THR B 286 -15.59 -8.42 8.34
N LYS B 287 -15.85 -9.37 9.25
CA LYS B 287 -14.73 -10.16 9.74
C LYS B 287 -14.17 -11.06 8.64
N PHE B 288 -15.03 -11.60 7.78
CA PHE B 288 -14.56 -12.35 6.63
C PHE B 288 -13.81 -11.46 5.66
N ARG B 289 -14.27 -10.23 5.47
CA ARG B 289 -13.58 -9.31 4.58
C ARG B 289 -12.18 -8.98 5.06
N ARG B 290 -12.02 -8.73 6.36
CA ARG B 290 -10.69 -8.42 6.87
C ARG B 290 -9.82 -9.67 6.98
N GLN B 291 -10.41 -10.85 7.14
CA GLN B 291 -9.62 -12.08 7.06
C GLN B 291 -9.08 -12.29 5.65
N ALA B 292 -9.90 -12.02 4.64
CA ALA B 292 -9.45 -12.16 3.27
C ALA B 292 -8.48 -11.09 2.87
N ASN B 293 -8.43 -9.98 3.60
CA ASN B 293 -7.35 -9.03 3.36
C ASN B 293 -6.08 -9.37 4.13
N ALA B 294 -6.20 -9.89 5.34
CA ALA B 294 -5.01 -10.25 6.11
C ALA B 294 -4.29 -11.44 5.49
N ALA B 295 -5.02 -12.51 5.17
CA ALA B 295 -4.36 -13.66 4.57
C ALA B 295 -4.35 -13.52 3.04
N ASP B 296 -4.03 -12.33 2.59
CA ASP B 296 -3.62 -12.00 1.25
C ASP B 296 -2.33 -11.22 1.26
N ASN B 297 -2.21 -10.29 2.21
CA ASN B 297 -0.91 -9.74 2.53
C ASN B 297 0.02 -10.82 3.06
N ALA B 298 -0.52 -11.83 3.74
CA ALA B 298 0.32 -12.94 4.16
C ALA B 298 0.96 -13.64 2.98
N ALA B 299 0.17 -13.98 1.95
CA ALA B 299 0.72 -14.64 0.77
C ALA B 299 1.66 -13.71 0.01
N SER B 300 1.29 -12.43 -0.09
CA SER B 300 2.14 -11.49 -0.81
C SER B 300 3.51 -11.37 -0.17
N THR B 301 3.57 -11.27 1.16
CA THR B 301 4.88 -11.19 1.79
C THR B 301 5.60 -12.52 1.84
N VAL B 302 4.90 -13.66 1.77
CA VAL B 302 5.62 -14.92 1.58
C VAL B 302 6.33 -14.91 0.23
N ALA B 303 5.66 -14.42 -0.80
CA ALA B 303 6.30 -14.29 -2.10
C ALA B 303 7.46 -13.30 -2.07
N VAL B 304 7.27 -12.17 -1.39
CA VAL B 304 8.34 -11.18 -1.28
C VAL B 304 9.55 -11.78 -0.58
N ASP B 305 9.33 -12.51 0.51
CA ASP B 305 10.43 -13.11 1.23
C ASP B 305 11.16 -14.15 0.39
N SER B 306 10.41 -14.94 -0.37
CA SER B 306 11.06 -15.94 -1.22
C SER B 306 11.85 -15.30 -2.35
N LEU B 307 11.36 -14.21 -2.94
CA LEU B 307 12.06 -13.61 -4.06
C LEU B 307 13.21 -12.71 -3.64
N ILE B 308 13.14 -12.08 -2.47
CA ILE B 308 14.31 -11.37 -1.94
C ILE B 308 15.45 -12.35 -1.70
N ASN B 309 15.14 -13.49 -1.09
CA ASN B 309 16.14 -14.51 -0.79
C ASN B 309 16.27 -15.52 -1.93
N TYR B 310 16.46 -15.02 -3.16
CA TYR B 310 16.48 -15.94 -4.29
C TYR B 310 17.76 -16.74 -4.33
N GLU B 311 18.90 -16.10 -4.08
CA GLU B 311 20.17 -16.82 -4.06
C GLU B 311 20.14 -17.92 -2.99
N ALA B 312 19.56 -17.61 -1.84
CA ALA B 312 19.47 -18.59 -0.76
C ALA B 312 18.59 -19.77 -1.15
N VAL B 313 17.40 -19.51 -1.69
CA VAL B 313 16.51 -20.62 -2.02
C VAL B 313 17.11 -21.46 -3.13
N LYS B 314 17.88 -20.85 -4.02
CA LYS B 314 18.50 -21.64 -5.07
C LYS B 314 19.70 -22.43 -4.55
N TYR B 315 20.43 -21.90 -3.56
CA TYR B 315 21.62 -22.60 -3.06
C TYR B 315 21.29 -23.86 -2.29
N PHE B 316 20.12 -23.94 -1.68
CA PHE B 316 19.76 -25.09 -0.87
C PHE B 316 18.73 -25.98 -1.56
N ASN B 317 18.41 -25.67 -2.82
CA ASN B 317 17.70 -26.57 -3.74
C ASN B 317 16.27 -26.83 -3.31
N ASN B 318 15.77 -26.06 -2.34
CA ASN B 318 14.39 -26.23 -1.92
C ASN B 318 13.46 -25.20 -2.56
N GLU B 319 13.29 -25.32 -3.87
CA GLU B 319 12.30 -24.52 -4.57
C GLU B 319 10.89 -25.00 -4.25
N ALA B 320 10.70 -26.32 -4.21
CA ALA B 320 9.39 -26.89 -3.96
C ALA B 320 8.88 -26.52 -2.58
N TYR B 321 9.78 -26.32 -1.62
CA TYR B 321 9.37 -25.90 -0.29
C TYR B 321 8.73 -24.52 -0.32
N GLU B 322 9.34 -23.58 -1.05
CA GLU B 322 8.76 -22.25 -1.17
C GLU B 322 7.45 -22.28 -1.95
N ILE B 323 7.39 -23.10 -3.00
CA ILE B 323 6.14 -23.22 -3.75
C ILE B 323 5.02 -23.76 -2.87
N ALA B 324 5.34 -24.76 -2.04
CA ALA B 324 4.33 -25.32 -1.14
C ALA B 324 3.88 -24.31 -0.10
N ARG B 325 4.80 -23.52 0.44
CA ARG B 325 4.40 -22.53 1.44
C ARG B 325 3.54 -21.45 0.80
N TYR B 326 3.85 -21.07 -0.44
CA TYR B 326 2.99 -20.14 -1.16
C TYR B 326 1.63 -20.75 -1.44
N ASP B 327 1.57 -22.06 -1.70
CA ASP B 327 0.28 -22.72 -1.84
C ASP B 327 -0.53 -22.66 -0.55
N LYS B 328 0.10 -22.88 0.60
CA LYS B 328 -0.68 -22.85 1.83
C LYS B 328 -1.20 -21.45 2.12
N ALA B 329 -0.38 -20.43 1.89
CA ALA B 329 -0.85 -19.06 2.10
C ALA B 329 -1.97 -18.70 1.13
N LEU B 330 -1.83 -19.09 -0.14
CA LEU B 330 -2.89 -18.80 -1.11
C LEU B 330 -4.13 -19.62 -0.83
N GLN B 331 -3.98 -20.80 -0.23
CA GLN B 331 -5.14 -21.60 0.12
C GLN B 331 -5.93 -20.95 1.24
N ALA B 332 -5.24 -20.40 2.24
CA ALA B 332 -5.97 -19.62 3.24
C ALA B 332 -6.65 -18.41 2.61
N TYR B 333 -6.00 -17.79 1.63
CA TYR B 333 -6.64 -16.70 0.91
C TYR B 333 -7.91 -17.15 0.20
N GLU B 334 -7.87 -18.31 -0.45
CA GLU B 334 -9.04 -18.72 -1.20
C GLU B 334 -10.16 -19.15 -0.27
N ARG B 335 -9.83 -19.72 0.90
CA ARG B 335 -10.86 -19.98 1.90
C ARG B 335 -11.57 -18.70 2.30
N SER B 336 -10.80 -17.67 2.61
CA SER B 336 -11.43 -16.44 3.07
C SER B 336 -12.17 -15.72 1.95
N SER B 337 -11.67 -15.78 0.72
CA SER B 337 -12.37 -15.11 -0.37
C SER B 337 -13.65 -15.83 -0.75
N ILE B 338 -13.65 -17.16 -0.66
CA ILE B 338 -14.87 -17.92 -0.89
C ILE B 338 -15.90 -17.58 0.17
N LYS B 339 -15.47 -17.46 1.43
CA LYS B 339 -16.42 -17.09 2.47
C LYS B 339 -16.94 -15.67 2.29
N VAL B 340 -16.11 -14.76 1.79
CA VAL B 340 -16.57 -13.41 1.53
C VAL B 340 -17.63 -13.40 0.43
N ALA B 341 -17.39 -14.11 -0.67
CA ALA B 341 -18.35 -14.09 -1.77
C ALA B 341 -19.63 -14.81 -1.40
N THR B 342 -19.52 -15.90 -0.65
CA THR B 342 -20.72 -16.60 -0.19
C THR B 342 -21.55 -15.73 0.76
N SER B 343 -20.89 -15.02 1.66
CA SER B 343 -21.65 -14.18 2.58
C SER B 343 -22.26 -12.99 1.87
N LEU B 344 -21.60 -12.49 0.83
CA LEU B 344 -22.22 -11.44 0.02
C LEU B 344 -23.47 -11.96 -0.69
N ALA B 345 -23.40 -13.20 -1.19
CA ALA B 345 -24.59 -13.80 -1.79
C ALA B 345 -25.72 -13.91 -0.78
N PHE B 346 -25.40 -14.31 0.45
CA PHE B 346 -26.41 -14.39 1.49
C PHE B 346 -27.02 -13.04 1.78
N LEU B 347 -26.20 -12.00 1.88
CA LEU B 347 -26.68 -10.66 2.15
C LEU B 347 -27.63 -10.19 1.07
N ASN B 348 -27.21 -10.26 -0.19
CA ASN B 348 -28.05 -9.77 -1.28
C ASN B 348 -29.34 -10.55 -1.41
N SER B 349 -29.29 -11.88 -1.31
CA SER B 349 -30.51 -12.64 -1.42
C SER B 349 -31.47 -12.38 -0.27
N GLY B 350 -30.96 -12.25 0.96
CA GLY B 350 -31.84 -11.93 2.07
C GLY B 350 -32.48 -10.57 1.97
N GLN B 351 -31.73 -9.57 1.51
CA GLN B 351 -32.30 -8.24 1.32
C GLN B 351 -33.44 -8.25 0.33
N ASN B 352 -33.28 -8.95 -0.79
CA ASN B 352 -34.33 -8.86 -1.79
C ASN B 352 -35.46 -9.83 -1.46
N ILE B 353 -35.22 -10.81 -0.59
CA ILE B 353 -36.36 -11.52 -0.01
C ILE B 353 -37.20 -10.58 0.83
N ILE B 354 -36.58 -9.66 1.55
CA ILE B 354 -37.36 -8.76 2.39
C ILE B 354 -38.17 -7.77 1.57
N PHE B 355 -37.57 -7.11 0.57
CA PHE B 355 -38.44 -6.35 -0.33
C PHE B 355 -39.44 -7.17 -1.14
N SER B 356 -39.13 -8.38 -1.54
CA SER B 356 -40.13 -9.07 -2.34
C SER B 356 -41.29 -9.54 -1.48
N SER B 357 -41.03 -9.85 -0.21
CA SER B 357 -42.14 -10.12 0.70
C SER B 357 -42.95 -8.86 0.96
N ALA B 358 -42.29 -7.71 1.09
CA ALA B 358 -43.02 -6.46 1.27
C ALA B 358 -43.89 -6.14 0.06
N LEU B 359 -43.31 -6.19 -1.13
CA LEU B 359 -44.05 -5.85 -2.34
C LEU B 359 -45.17 -6.84 -2.61
N THR B 360 -44.99 -8.11 -2.30
CA THR B 360 -46.07 -9.06 -2.48
C THR B 360 -47.19 -8.83 -1.47
N LEU B 361 -46.86 -8.53 -0.22
CA LEU B 361 -47.92 -8.29 0.75
C LEU B 361 -48.69 -7.02 0.41
N MET B 362 -48.01 -6.00 -0.10
CA MET B 362 -48.72 -4.80 -0.49
C MET B 362 -49.49 -5.00 -1.79
N MET B 363 -49.02 -5.87 -2.67
CA MET B 363 -49.80 -6.25 -3.83
C MET B 363 -51.08 -6.94 -3.41
N TRP B 364 -51.01 -7.80 -2.42
CA TRP B 364 -52.21 -8.48 -1.95
C TRP B 364 -53.20 -7.51 -1.34
N LEU B 365 -52.72 -6.57 -0.52
CA LEU B 365 -53.67 -5.63 0.06
C LEU B 365 -54.17 -4.62 -0.97
N GLY B 366 -53.37 -4.29 -1.98
CA GLY B 366 -53.89 -3.50 -3.08
C GLY B 366 -54.94 -4.25 -3.87
N ALA B 367 -54.77 -5.56 -4.01
CA ALA B 367 -55.80 -6.36 -4.68
C ALA B 367 -57.08 -6.40 -3.86
N ARG B 368 -56.97 -6.51 -2.54
CA ARG B 368 -58.16 -6.43 -1.70
C ARG B 368 -58.83 -5.07 -1.86
N GLY B 369 -58.03 -4.01 -1.95
CA GLY B 369 -58.59 -2.69 -2.14
C GLY B 369 -59.28 -2.53 -3.48
N VAL B 370 -58.73 -3.16 -4.52
CA VAL B 370 -59.36 -3.05 -5.85
C VAL B 370 -60.67 -3.83 -5.88
N LEU B 371 -60.65 -5.06 -5.38
CA LEU B 371 -61.86 -5.87 -5.40
C LEU B 371 -62.94 -5.32 -4.48
N ALA B 372 -62.56 -4.63 -3.40
CA ALA B 372 -63.56 -3.98 -2.57
C ALA B 372 -64.04 -2.67 -3.18
N GLY B 373 -63.37 -2.19 -4.23
CA GLY B 373 -63.78 -0.97 -4.89
C GLY B 373 -63.12 0.28 -4.37
N ASP B 374 -62.31 0.19 -3.31
CA ASP B 374 -61.67 1.37 -2.75
C ASP B 374 -60.65 1.95 -3.71
N LEU B 375 -59.62 1.18 -4.02
CA LEU B 375 -58.54 1.63 -4.89
C LEU B 375 -58.97 1.54 -6.35
N SER B 376 -58.03 1.84 -7.22
CA SER B 376 -58.15 1.57 -8.64
C SER B 376 -57.01 0.64 -9.05
N VAL B 377 -56.95 0.30 -10.33
CA VAL B 377 -55.89 -0.60 -10.79
C VAL B 377 -54.54 0.11 -10.79
N GLY B 378 -54.52 1.39 -11.17
CA GLY B 378 -53.28 2.14 -11.15
C GLY B 378 -52.70 2.34 -9.76
N ASP B 379 -53.52 2.28 -8.72
CA ASP B 379 -52.96 2.41 -7.40
C ASP B 379 -52.09 1.22 -7.03
N LEU B 380 -52.26 0.09 -7.71
CA LEU B 380 -51.34 -1.03 -7.53
C LEU B 380 -49.94 -0.67 -7.99
N VAL B 381 -49.81 -0.04 -9.15
CA VAL B 381 -48.46 0.31 -9.60
C VAL B 381 -47.95 1.49 -8.80
N LEU B 382 -48.84 2.30 -8.23
CA LEU B 382 -48.39 3.34 -7.31
C LEU B 382 -47.73 2.74 -6.08
N ILE B 383 -48.41 1.82 -5.41
CA ILE B 383 -47.86 1.21 -4.20
C ILE B 383 -46.57 0.46 -4.51
N ASN B 384 -46.61 -0.35 -5.56
CA ASN B 384 -45.46 -1.17 -5.91
C ASN B 384 -44.26 -0.31 -6.26
N GLN B 385 -44.47 0.75 -7.04
CA GLN B 385 -43.34 1.54 -7.47
C GLN B 385 -42.82 2.44 -6.36
N LEU B 386 -43.68 2.87 -5.42
CA LEU B 386 -43.18 3.64 -4.29
C LEU B 386 -42.24 2.79 -3.43
N VAL B 387 -42.70 1.60 -3.03
CA VAL B 387 -41.84 0.79 -2.17
C VAL B 387 -40.61 0.31 -2.93
N PHE B 388 -40.77 0.00 -4.21
CA PHE B 388 -39.59 -0.43 -4.94
C PHE B 388 -38.59 0.71 -5.10
N GLN B 389 -39.06 1.93 -5.31
CA GLN B 389 -38.13 3.05 -5.43
C GLN B 389 -37.39 3.29 -4.12
N LEU B 390 -38.02 2.94 -3.00
CA LEU B 390 -37.25 2.88 -1.76
C LEU B 390 -36.17 1.82 -1.84
N SER B 391 -36.44 0.73 -2.54
CA SER B 391 -35.44 -0.34 -2.61
C SER B 391 -34.17 0.02 -3.40
N VAL B 392 -34.11 1.13 -4.10
CA VAL B 392 -32.92 1.47 -4.88
C VAL B 392 -31.82 2.09 -4.01
N PRO B 393 -32.08 3.09 -3.14
CA PRO B 393 -30.98 3.58 -2.30
C PRO B 393 -30.52 2.59 -1.26
N LEU B 394 -31.41 1.77 -0.73
CA LEU B 394 -31.08 0.81 0.32
C LEU B 394 -30.36 -0.41 -0.20
N ASN B 395 -30.01 -0.42 -1.47
CA ASN B 395 -29.20 -1.49 -2.03
C ASN B 395 -27.75 -1.38 -1.61
N PHE B 396 -27.35 -0.27 -1.00
CA PHE B 396 -25.97 -0.07 -0.59
C PHE B 396 -25.88 0.11 0.91
N LEU B 397 -26.92 -0.31 1.64
CA LEU B 397 -26.91 -0.23 3.09
C LEU B 397 -25.83 -1.08 3.71
N GLY B 398 -25.37 -2.11 3.03
CA GLY B 398 -24.36 -2.97 3.60
C GLY B 398 -22.97 -2.44 3.38
N SER B 399 -22.80 -1.55 2.42
CA SER B 399 -21.48 -1.00 2.15
C SER B 399 -21.33 0.43 2.62
N VAL B 400 -22.41 1.15 2.89
CA VAL B 400 -22.32 2.46 3.51
C VAL B 400 -22.50 2.37 5.01
N TYR B 401 -22.59 1.17 5.55
CA TYR B 401 -22.43 0.97 6.98
C TYR B 401 -21.07 0.41 7.33
N ARG B 402 -20.52 -0.47 6.52
CA ARG B 402 -19.17 -0.96 6.77
C ARG B 402 -18.16 0.17 6.71
N GLU B 403 -18.20 0.97 5.65
CA GLU B 403 -17.23 2.04 5.52
C GLU B 403 -17.54 3.18 6.47
N LEU B 404 -18.81 3.33 6.86
CA LEU B 404 -19.14 4.34 7.86
C LEU B 404 -18.59 3.96 9.23
N ARG B 405 -18.70 2.70 9.62
CA ARG B 405 -18.14 2.30 10.90
C ARG B 405 -16.61 2.32 10.86
N GLN B 406 -16.03 1.98 9.71
CA GLN B 406 -14.57 2.07 9.61
C GLN B 406 -14.11 3.53 9.68
N SER B 407 -14.90 4.43 9.11
CA SER B 407 -14.61 5.85 9.23
C SER B 407 -14.72 6.32 10.67
N LEU B 408 -15.74 5.88 11.41
CA LEU B 408 -15.79 6.23 12.82
C LEU B 408 -14.73 5.55 13.65
N LEU B 409 -14.05 4.53 13.13
CA LEU B 409 -12.88 4.02 13.82
C LEU B 409 -11.62 4.82 13.53
N ASP B 410 -11.41 5.23 12.27
CA ASP B 410 -10.20 5.98 11.92
C ASP B 410 -10.28 7.43 12.38
N MET B 411 -11.45 8.03 12.25
CA MET B 411 -11.70 9.39 12.71
C MET B 411 -11.43 9.52 14.20
N GLU B 412 -11.63 8.45 14.96
CA GLU B 412 -11.33 8.49 16.38
C GLU B 412 -9.82 8.56 16.60
N THR B 413 -9.03 7.83 15.82
CA THR B 413 -7.57 7.92 15.97
C THR B 413 -7.06 9.30 15.59
N LEU B 414 -7.60 9.88 14.51
CA LEU B 414 -7.21 11.24 14.17
C LEU B 414 -7.59 12.24 15.26
N PHE B 415 -8.77 12.10 15.86
CA PHE B 415 -9.16 12.97 16.95
C PHE B 415 -8.46 12.62 18.26
N ASP B 416 -7.76 11.49 18.31
CA ASP B 416 -6.83 11.21 19.39
C ASP B 416 -5.51 11.93 19.20
N LEU B 417 -5.04 12.02 17.95
CA LEU B 417 -3.87 12.86 17.67
C LEU B 417 -4.19 14.33 17.89
N GLN B 418 -5.41 14.75 17.61
CA GLN B 418 -5.72 16.18 17.69
C GLN B 418 -5.83 16.69 19.11
N LYS B 419 -5.54 15.88 20.13
CA LYS B 419 -5.70 16.30 21.51
C LYS B 419 -4.54 15.79 22.37
N VAL B 420 -3.33 15.81 21.82
CA VAL B 420 -2.24 15.15 22.56
C VAL B 420 -1.76 16.04 23.70
N ASN B 421 -1.03 17.11 23.37
CA ASN B 421 -0.36 17.98 24.33
C ASN B 421 0.46 19.07 23.67
N VAL B 422 1.03 19.95 24.48
CA VAL B 422 2.27 20.64 24.18
C VAL B 422 3.10 20.52 25.46
N THR B 423 4.14 19.70 25.42
CA THR B 423 4.89 19.44 26.65
C THR B 423 5.78 20.63 27.02
N ILE B 424 6.75 20.96 26.17
CA ILE B 424 7.52 22.19 26.31
C ILE B 424 6.73 23.32 25.67
N ARG B 425 6.12 24.16 26.51
CA ARG B 425 5.43 25.35 26.08
C ARG B 425 6.20 26.57 26.54
N GLU B 426 6.08 27.66 25.81
CA GLU B 426 6.71 28.90 26.25
C GLU B 426 5.87 29.55 27.35
N ALA B 427 6.55 30.28 28.23
CA ALA B 427 5.86 31.04 29.25
C ALA B 427 5.03 32.14 28.59
N PRO B 428 3.86 32.45 29.15
CA PRO B 428 3.01 33.49 28.56
C PRO B 428 3.72 34.84 28.53
N ASN B 429 3.53 35.55 27.42
CA ASN B 429 4.20 36.82 27.14
C ASN B 429 5.73 36.68 27.27
N ALA B 430 6.25 35.70 26.54
CA ALA B 430 7.69 35.46 26.54
C ALA B 430 8.41 36.58 25.81
N LYS B 431 9.64 36.84 26.23
CA LYS B 431 10.38 37.99 25.74
C LYS B 431 11.46 37.54 24.76
N PRO B 432 11.59 38.15 23.59
CA PRO B 432 12.71 37.81 22.70
C PRO B 432 14.02 38.46 23.12
N LEU B 433 14.04 39.02 24.34
CA LEU B 433 15.14 39.86 24.80
C LEU B 433 16.40 39.03 25.06
N ALA B 434 17.50 39.75 25.30
CA ALA B 434 18.81 39.25 25.71
C ALA B 434 19.48 38.36 24.67
N LEU B 435 18.86 38.12 23.53
CA LEU B 435 19.47 37.33 22.48
C LEU B 435 20.51 38.13 21.68
N PRO B 436 20.27 39.41 21.32
CA PRO B 436 21.37 40.17 20.67
C PRO B 436 22.37 40.73 21.67
N LYS B 437 23.08 39.84 22.35
CA LYS B 437 24.19 40.19 23.21
C LYS B 437 25.40 39.38 22.79
N GLY B 438 26.51 39.58 23.51
CA GLY B 438 27.65 38.69 23.33
C GLY B 438 27.28 37.31 23.81
N GLY B 439 27.11 36.37 22.88
CA GLY B 439 26.50 35.09 23.17
C GLY B 439 27.20 34.24 24.22
N GLU B 440 26.61 34.17 25.40
CA GLU B 440 27.14 33.40 26.51
C GLU B 440 26.05 32.46 26.99
N ILE B 441 26.38 31.19 27.15
CA ILE B 441 25.42 30.19 27.63
C ILE B 441 25.93 29.66 28.96
N ARG B 442 25.15 29.86 30.02
CA ARG B 442 25.54 29.35 31.33
C ARG B 442 24.51 28.34 31.80
N PHE B 443 25.05 27.18 32.20
CA PHE B 443 24.25 26.12 32.79
C PHE B 443 24.36 26.21 34.30
N GLU B 444 23.23 26.13 35.00
CA GLU B 444 23.21 26.27 36.45
C GLU B 444 22.62 25.02 37.07
N ASN B 445 23.47 24.28 37.80
CA ASN B 445 23.16 23.05 38.54
C ASN B 445 22.21 22.12 37.78
N VAL B 446 22.44 21.95 36.49
CA VAL B 446 21.48 21.31 35.61
C VAL B 446 21.55 19.80 35.76
N THR B 447 20.41 19.18 36.00
CA THR B 447 20.29 17.72 36.02
C THR B 447 19.17 17.31 35.08
N PHE B 448 19.54 16.68 33.97
CA PHE B 448 18.58 16.16 33.00
C PHE B 448 18.99 14.74 32.66
N GLY B 449 18.02 13.84 32.61
CA GLY B 449 18.22 12.55 32.00
C GLY B 449 16.98 12.07 31.27
N TYR B 450 17.16 11.31 30.20
CA TYR B 450 16.07 10.54 29.63
C TYR B 450 15.57 9.57 30.69
N TYR B 451 14.23 9.50 30.86
CA TYR B 451 13.61 8.62 31.85
C TYR B 451 14.13 9.00 33.25
N PRO B 452 13.60 10.06 33.85
CA PRO B 452 14.23 10.69 35.04
C PRO B 452 14.58 9.78 36.20
N ASP B 453 14.16 8.52 36.19
CA ASP B 453 14.69 7.57 37.16
C ASP B 453 16.15 7.23 36.91
N ARG B 454 16.68 7.53 35.72
CA ARG B 454 18.09 7.33 35.38
C ARG B 454 18.67 8.66 34.90
N PRO B 455 19.16 9.50 35.83
CA PRO B 455 19.78 10.77 35.40
C PRO B 455 21.00 10.58 34.53
N ILE B 456 21.01 11.20 33.35
CA ILE B 456 22.15 11.10 32.45
C ILE B 456 23.12 12.26 32.67
N LEU B 457 22.60 13.47 32.78
CA LEU B 457 23.39 14.65 33.08
C LEU B 457 23.01 15.13 34.47
N ARG B 458 24.01 15.41 35.30
CA ARG B 458 23.80 15.52 36.75
C ARG B 458 24.47 16.77 37.30
N ASN B 459 23.64 17.73 37.72
CA ASN B 459 24.05 18.88 38.54
C ASN B 459 25.22 19.64 37.89
N LEU B 460 24.92 20.19 36.72
CA LEU B 460 25.95 20.73 35.85
C LEU B 460 25.86 22.25 35.78
N SER B 461 27.02 22.91 35.80
CA SER B 461 27.09 24.37 35.74
C SER B 461 28.31 24.74 34.91
N LEU B 462 28.12 25.55 33.87
CA LEU B 462 29.23 26.00 33.05
C LEU B 462 28.90 27.37 32.47
N THR B 463 29.88 27.95 31.77
CA THR B 463 29.72 29.24 31.12
C THR B 463 30.45 29.23 29.79
N ILE B 464 29.76 29.66 28.74
CA ILE B 464 30.29 29.73 27.39
C ILE B 464 30.26 31.18 26.94
N PRO B 465 31.40 31.87 26.97
CA PRO B 465 31.43 33.29 26.57
C PRO B 465 31.25 33.51 25.07
N ALA B 466 31.29 34.78 24.65
CA ALA B 466 31.03 35.15 23.28
C ALA B 466 32.22 34.88 22.38
N GLY B 467 31.94 34.58 21.11
CA GLY B 467 32.95 34.50 20.07
C GLY B 467 33.98 33.42 20.23
N LYS B 468 33.75 32.45 21.11
CA LYS B 468 34.77 31.48 21.47
C LYS B 468 34.45 30.14 20.83
N LYS B 469 35.47 29.53 20.23
CA LYS B 469 35.37 28.17 19.71
C LYS B 469 35.59 27.23 20.89
N VAL B 470 34.48 26.83 21.52
CA VAL B 470 34.53 25.94 22.66
C VAL B 470 34.10 24.55 22.22
N ALA B 471 34.74 23.55 22.78
CA ALA B 471 34.41 22.15 22.54
C ALA B 471 34.16 21.47 23.87
N VAL B 472 33.32 20.45 23.84
CA VAL B 472 33.04 19.62 25.02
C VAL B 472 33.32 18.18 24.64
N VAL B 473 34.06 17.49 25.51
CA VAL B 473 34.49 16.12 25.25
C VAL B 473 34.15 15.26 26.45
N GLY B 474 34.19 13.95 26.25
CA GLY B 474 33.86 13.00 27.28
C GLY B 474 33.82 11.58 26.75
N PRO B 475 33.38 10.64 27.57
CA PRO B 475 33.32 9.24 27.12
C PRO B 475 32.08 8.97 26.30
N SER B 476 31.96 7.75 25.78
CA SER B 476 30.80 7.37 25.01
C SER B 476 29.60 7.17 25.93
N GLY B 477 28.46 7.74 25.54
CA GLY B 477 27.23 7.56 26.30
C GLY B 477 27.13 8.36 27.58
N CYS B 478 28.04 9.31 27.82
CA CYS B 478 27.95 10.12 29.03
C CYS B 478 26.77 11.07 29.00
N GLY B 479 26.31 11.45 27.81
CA GLY B 479 25.16 12.32 27.68
C GLY B 479 25.50 13.70 27.18
N LYS B 480 26.56 13.80 26.38
CA LYS B 480 26.91 15.09 25.80
C LYS B 480 25.88 15.54 24.76
N SER B 481 25.30 14.60 24.02
CA SER B 481 24.38 14.94 22.95
C SER B 481 23.12 15.62 23.45
N THR B 482 22.80 15.49 24.74
CA THR B 482 21.62 16.14 25.26
C THR B 482 21.81 17.64 25.34
N LEU B 483 23.08 18.10 25.35
CA LEU B 483 23.42 19.52 25.49
C LEU B 483 22.64 20.39 24.53
N LEU B 484 22.81 20.13 23.23
CA LEU B 484 22.01 20.80 22.21
C LEU B 484 20.53 20.63 22.48
N ARG B 485 20.10 19.38 22.70
CA ARG B 485 18.68 19.12 22.93
C ARG B 485 18.19 19.77 24.21
N LEU B 486 19.11 20.21 25.06
CA LEU B 486 18.70 20.93 26.26
C LEU B 486 18.63 22.42 26.00
N LEU B 487 19.52 22.95 25.16
CA LEU B 487 19.57 24.40 24.97
C LEU B 487 18.62 24.84 23.86
N PHE B 488 18.44 24.01 22.85
CA PHE B 488 17.45 24.30 21.82
C PHE B 488 16.04 24.25 22.37
N ARG B 489 15.90 23.77 23.61
CA ARG B 489 14.65 23.61 24.33
C ARG B 489 13.76 22.63 23.59
N SER B 490 14.42 21.66 22.94
CA SER B 490 13.77 20.44 22.53
C SER B 490 13.26 19.66 23.73
N TYR B 491 14.00 19.66 24.83
CA TYR B 491 13.55 19.05 26.06
C TYR B 491 13.55 20.11 27.15
N ASP B 492 13.36 19.71 28.40
CA ASP B 492 13.52 20.65 29.49
C ASP B 492 14.53 20.12 30.49
N PRO B 493 15.24 21.02 31.18
CA PRO B 493 16.04 20.60 32.32
C PRO B 493 15.13 20.25 33.49
N GLN B 494 15.18 18.98 33.91
CA GLN B 494 14.39 18.56 35.07
C GLN B 494 14.82 19.30 36.31
N GLN B 495 16.12 19.47 36.51
CA GLN B 495 16.68 20.30 37.57
C GLN B 495 17.72 21.20 36.95
N GLY B 496 17.90 22.38 37.52
CA GLY B 496 18.83 23.35 36.98
C GLY B 496 18.19 24.22 35.92
N LYS B 497 18.88 25.31 35.58
CA LYS B 497 18.36 26.29 34.64
C LYS B 497 19.41 26.62 33.59
N ILE B 498 18.94 27.22 32.50
CA ILE B 498 19.79 27.53 31.35
C ILE B 498 19.62 29.01 31.04
N PHE B 499 20.73 29.73 30.88
CA PHE B 499 20.65 31.16 30.62
C PHE B 499 21.52 31.52 29.42
N ILE B 500 20.91 32.09 28.39
CA ILE B 500 21.66 32.73 27.31
C ILE B 500 21.67 34.23 27.60
N ASP B 501 22.86 34.77 27.88
CA ASP B 501 23.08 36.20 28.08
C ASP B 501 22.10 36.79 29.09
N ASP B 502 22.06 36.16 30.26
CA ASP B 502 21.29 36.62 31.42
C ASP B 502 19.78 36.63 31.14
N GLN B 503 19.26 35.50 30.65
CA GLN B 503 17.82 35.29 30.58
C GLN B 503 17.53 33.80 30.51
N ASP B 504 16.55 33.37 31.30
CA ASP B 504 16.15 31.96 31.31
C ASP B 504 15.48 31.58 30.00
N ILE B 505 15.80 30.38 29.53
CA ILE B 505 15.25 29.87 28.27
C ILE B 505 13.75 29.69 28.34
N LYS B 506 13.21 29.29 29.50
CA LYS B 506 11.77 29.14 29.65
C LYS B 506 11.01 30.46 29.56
N SER B 507 11.69 31.59 29.61
CA SER B 507 11.05 32.90 29.52
C SER B 507 11.24 33.55 28.15
N VAL B 508 12.04 32.97 27.27
CA VAL B 508 12.34 33.56 25.97
C VAL B 508 11.38 33.00 24.95
N THR B 509 10.94 33.84 24.01
CA THR B 509 10.06 33.40 22.94
C THR B 509 10.71 32.30 22.11
N LEU B 510 9.92 31.25 21.85
CA LEU B 510 10.46 30.04 21.25
C LEU B 510 10.95 30.27 19.83
N GLU B 511 10.19 31.00 19.02
CA GLU B 511 10.54 31.16 17.63
C GLU B 511 11.84 31.95 17.46
N SER B 512 12.01 33.03 18.22
CA SER B 512 13.23 33.81 18.11
C SER B 512 14.42 33.06 18.68
N LEU B 513 14.19 32.28 19.74
CA LEU B 513 15.23 31.40 20.26
C LEU B 513 15.74 30.45 19.19
N ARG B 514 14.83 29.72 18.56
CA ARG B 514 15.25 28.72 17.58
C ARG B 514 15.72 29.35 16.28
N LYS B 515 15.34 30.59 16.01
CA LYS B 515 16.01 31.35 14.96
C LYS B 515 17.46 31.61 15.32
N SER B 516 17.72 32.03 16.55
CA SER B 516 19.07 32.46 16.94
C SER B 516 20.04 31.29 16.95
N ILE B 517 19.55 30.10 17.22
CA ILE B 517 20.40 28.91 17.26
C ILE B 517 20.62 28.41 15.85
N GLY B 518 21.80 27.87 15.57
CA GLY B 518 22.05 27.16 14.34
C GLY B 518 22.75 25.84 14.59
N VAL B 519 22.40 24.80 13.84
CA VAL B 519 22.75 23.43 14.18
C VAL B 519 23.37 22.74 12.97
N VAL B 520 24.47 22.03 13.22
CA VAL B 520 24.95 21.00 12.30
C VAL B 520 24.83 19.68 13.04
N PRO B 521 23.88 18.84 12.67
CA PRO B 521 23.65 17.59 13.40
C PRO B 521 24.76 16.58 13.12
N GLN B 522 24.72 15.50 13.90
CA GLN B 522 25.65 14.39 13.68
C GLN B 522 25.39 13.75 12.33
N ASP B 523 24.15 13.39 12.06
CA ASP B 523 23.71 12.98 10.74
C ASP B 523 22.63 13.95 10.28
N THR B 524 22.80 14.48 9.08
CA THR B 524 21.79 15.37 8.51
C THR B 524 20.96 14.64 7.47
N PRO B 525 19.71 14.32 7.74
CA PRO B 525 18.84 13.81 6.67
C PRO B 525 18.61 14.90 5.63
N LEU B 526 18.39 14.45 4.40
CA LEU B 526 18.30 15.33 3.25
C LEU B 526 16.93 15.16 2.59
N PHE B 527 16.30 16.28 2.27
CA PHE B 527 14.96 16.22 1.69
C PHE B 527 15.03 15.71 0.27
N ASN B 528 14.07 14.84 -0.08
CA ASN B 528 14.08 14.13 -1.35
C ASN B 528 13.70 15.13 -2.44
N ASP B 529 14.65 16.00 -2.78
CA ASP B 529 14.42 17.22 -3.54
C ASP B 529 15.67 17.54 -4.33
N THR B 530 15.79 18.77 -4.80
CA THR B 530 17.03 19.25 -5.38
C THR B 530 18.01 19.69 -4.30
N VAL B 531 19.31 19.61 -4.62
CA VAL B 531 20.31 20.14 -3.70
C VAL B 531 20.14 21.63 -3.54
N GLU B 532 19.56 22.30 -4.55
CA GLU B 532 19.25 23.72 -4.43
C GLU B 532 18.34 23.97 -3.24
N LEU B 533 17.32 23.13 -3.06
CA LEU B 533 16.40 23.33 -1.96
C LEU B 533 16.92 22.81 -0.63
N ASN B 534 17.74 21.76 -0.62
CA ASN B 534 18.38 21.37 0.63
C ASN B 534 19.28 22.47 1.15
N ILE B 535 20.04 23.11 0.27
CA ILE B 535 20.81 24.27 0.72
C ILE B 535 19.88 25.41 1.09
N ARG B 536 18.83 25.63 0.30
CA ARG B 536 17.88 26.71 0.54
C ARG B 536 17.11 26.55 1.84
N TYR B 537 17.09 25.35 2.41
CA TYR B 537 16.31 25.11 3.60
C TYR B 537 16.80 25.91 4.79
N GLY B 538 18.02 26.44 4.74
CA GLY B 538 18.45 27.37 5.76
C GLY B 538 17.62 28.64 5.79
N ASN B 539 17.29 29.17 4.61
CA ASN B 539 16.48 30.37 4.49
C ASN B 539 15.62 30.25 3.25
N VAL B 540 14.31 30.09 3.45
CA VAL B 540 13.41 29.80 2.33
C VAL B 540 13.33 31.00 1.38
N ASN B 541 13.40 32.21 1.91
CA ASN B 541 13.29 33.42 1.10
C ASN B 541 14.67 33.92 0.69
N ALA B 542 15.42 33.03 0.06
CA ALA B 542 16.77 33.32 -0.42
C ALA B 542 16.83 33.11 -1.92
N THR B 543 17.51 34.01 -2.62
CA THR B 543 17.68 33.89 -4.05
C THR B 543 18.80 32.90 -4.37
N GLN B 544 19.06 32.73 -5.66
CA GLN B 544 20.01 31.71 -6.10
C GLN B 544 21.44 32.06 -5.71
N GLU B 545 21.78 33.34 -5.74
CA GLU B 545 23.16 33.76 -5.48
C GLU B 545 23.61 33.42 -4.07
N GLN B 546 22.71 33.51 -3.09
CA GLN B 546 23.05 33.08 -1.73
C GLN B 546 23.33 31.58 -1.70
N VAL B 547 22.56 30.80 -2.46
CA VAL B 547 22.79 29.35 -2.54
C VAL B 547 24.16 29.08 -3.16
N ILE B 548 24.50 29.82 -4.21
CA ILE B 548 25.79 29.64 -4.86
C ILE B 548 26.93 29.99 -3.90
N ALA B 549 26.77 31.08 -3.15
CA ALA B 549 27.78 31.48 -2.18
C ALA B 549 27.95 30.44 -1.08
N ALA B 550 26.83 29.86 -0.60
CA ALA B 550 26.91 28.81 0.40
C ALA B 550 27.60 27.57 -0.14
N ALA B 551 27.38 27.25 -1.42
CA ALA B 551 28.12 26.17 -2.04
C ALA B 551 29.61 26.50 -2.15
N GLN B 552 29.92 27.79 -2.37
CA GLN B 552 31.32 28.22 -2.44
C GLN B 552 32.01 28.04 -1.10
N LYS B 553 31.40 28.52 -0.01
CA LYS B 553 32.13 28.76 1.22
C LYS B 553 32.60 27.46 1.88
N ALA B 554 31.90 26.35 1.61
CA ALA B 554 32.32 25.06 2.14
C ALA B 554 32.69 24.07 1.03
N HIS B 555 32.92 24.58 -0.18
CA HIS B 555 33.28 23.76 -1.34
C HIS B 555 32.23 22.68 -1.61
N ILE B 556 31.04 23.14 -1.99
CA ILE B 556 30.03 22.29 -2.59
C ILE B 556 29.87 22.55 -4.08
N HIS B 557 30.32 23.72 -4.57
CA HIS B 557 30.04 24.13 -5.93
C HIS B 557 30.71 23.23 -6.95
N GLU B 558 31.92 22.77 -6.65
CA GLU B 558 32.60 21.84 -7.55
C GLU B 558 31.83 20.52 -7.65
N LYS B 559 31.34 20.01 -6.52
CA LYS B 559 30.67 18.73 -6.54
C LYS B 559 29.24 18.83 -7.05
N ILE B 560 28.66 20.03 -7.07
CA ILE B 560 27.35 20.18 -7.71
C ILE B 560 27.47 20.53 -9.18
N ILE B 561 28.59 21.11 -9.60
CA ILE B 561 28.91 21.10 -11.02
C ILE B 561 29.13 19.68 -11.50
N SER B 562 29.74 18.85 -10.65
CA SER B 562 29.94 17.44 -10.96
C SER B 562 28.63 16.67 -11.05
N TRP B 563 27.54 17.17 -10.45
CA TRP B 563 26.27 16.48 -10.56
C TRP B 563 25.73 16.67 -11.99
N PRO B 564 24.84 15.77 -12.46
CA PRO B 564 24.38 15.83 -13.85
C PRO B 564 23.72 17.14 -14.27
N HIS B 565 22.64 17.53 -13.57
CA HIS B 565 21.84 18.69 -13.95
C HIS B 565 22.35 19.98 -13.31
N GLY B 566 23.62 20.04 -12.92
CA GLY B 566 24.04 21.15 -12.10
C GLY B 566 23.50 20.98 -10.68
N TYR B 567 23.30 22.10 -10.00
CA TYR B 567 22.65 22.07 -8.70
C TYR B 567 21.14 21.91 -8.79
N GLN B 568 20.61 21.66 -9.98
CA GLN B 568 19.20 21.31 -10.13
C GLN B 568 18.98 19.81 -10.00
N THR B 569 20.07 19.06 -9.77
CA THR B 569 19.99 17.61 -9.64
C THR B 569 19.04 17.20 -8.54
N ARG B 570 18.25 16.17 -8.80
CA ARG B 570 17.35 15.65 -7.78
C ARG B 570 18.13 14.72 -6.86
N VAL B 571 18.10 15.00 -5.57
CA VAL B 571 18.93 14.32 -4.59
C VAL B 571 17.99 13.77 -3.51
N GLY B 572 18.52 12.90 -2.67
CA GLY B 572 17.77 12.37 -1.56
C GLY B 572 18.06 10.90 -1.39
N GLU B 573 17.13 10.21 -0.73
CA GLU B 573 17.21 8.76 -0.69
C GLU B 573 16.97 8.17 -2.07
N ARG B 574 16.12 8.82 -2.88
CA ARG B 574 15.86 8.41 -4.25
C ARG B 574 16.55 9.31 -5.27
N GLY B 575 17.45 10.18 -4.84
CA GLY B 575 18.24 10.97 -5.76
C GLY B 575 19.50 10.23 -6.16
N LEU B 576 20.65 10.83 -5.91
CA LEU B 576 21.94 10.20 -6.14
C LEU B 576 22.55 9.84 -4.80
N MET B 577 23.10 8.63 -4.69
CA MET B 577 23.73 8.21 -3.45
C MET B 577 25.03 8.97 -3.23
N ILE B 578 25.06 9.77 -2.17
CA ILE B 578 26.14 10.71 -1.93
C ILE B 578 26.92 10.28 -0.70
N SER B 579 27.98 11.04 -0.40
CA SER B 579 28.88 10.76 0.71
C SER B 579 28.58 11.67 1.89
N GLY B 580 28.88 11.15 3.09
CA GLY B 580 28.52 11.86 4.30
C GLY B 580 29.19 13.21 4.45
N GLY B 581 30.44 13.33 4.00
CA GLY B 581 31.13 14.60 4.08
C GLY B 581 30.42 15.69 3.31
N GLU B 582 29.89 15.35 2.14
CA GLU B 582 29.10 16.31 1.39
C GLU B 582 27.76 16.59 2.08
N LYS B 583 27.25 15.64 2.85
CA LYS B 583 26.06 15.91 3.65
C LYS B 583 26.33 16.97 4.71
N GLN B 584 27.45 16.86 5.42
CA GLN B 584 27.79 17.91 6.37
C GLN B 584 28.13 19.23 5.66
N ARG B 585 28.66 19.16 4.44
CA ARG B 585 28.81 20.38 3.66
C ARG B 585 27.46 21.02 3.36
N LEU B 586 26.46 20.21 3.03
CA LEU B 586 25.10 20.72 2.86
C LEU B 586 24.59 21.34 4.16
N ALA B 587 24.87 20.70 5.29
CA ALA B 587 24.41 21.21 6.57
C ALA B 587 25.06 22.56 6.89
N VAL B 588 26.35 22.69 6.64
CA VAL B 588 27.00 23.96 6.95
C VAL B 588 26.59 25.03 5.94
N SER B 589 26.25 24.64 4.72
CA SER B 589 25.66 25.61 3.80
C SER B 589 24.31 26.10 4.29
N ARG B 590 23.49 25.19 4.83
CA ARG B 590 22.26 25.59 5.52
C ARG B 590 22.57 26.59 6.62
N LEU B 591 23.61 26.31 7.41
CA LEU B 591 24.00 27.18 8.51
C LEU B 591 24.40 28.56 8.00
N ILE B 592 25.12 28.62 6.88
CA ILE B 592 25.54 29.90 6.32
C ILE B 592 24.32 30.67 5.83
N LEU B 593 23.34 29.98 5.25
CA LEU B 593 22.15 30.69 4.78
C LEU B 593 21.30 31.17 5.94
N LYS B 594 21.32 30.47 7.08
CA LYS B 594 20.61 30.97 8.25
C LYS B 594 21.22 32.26 8.78
N ASP B 595 22.54 32.35 8.81
CA ASP B 595 23.28 33.37 9.55
C ASP B 595 22.76 33.53 10.97
N PRO B 596 22.99 32.54 11.84
CA PRO B 596 22.56 32.69 13.22
C PRO B 596 23.71 33.17 14.11
N PRO B 597 23.40 33.79 15.24
CA PRO B 597 24.47 34.12 16.20
C PRO B 597 25.15 32.90 16.79
N LEU B 598 24.36 31.96 17.32
CA LEU B 598 24.89 30.77 17.97
C LEU B 598 25.08 29.66 16.96
N LEU B 599 26.22 28.97 17.01
CA LEU B 599 26.48 27.85 16.13
C LEU B 599 26.81 26.61 16.94
N PHE B 600 26.25 25.46 16.56
CA PHE B 600 26.52 24.18 17.20
C PHE B 600 26.95 23.18 16.16
N PHE B 601 27.94 22.35 16.48
CA PHE B 601 28.37 21.25 15.62
C PHE B 601 28.33 19.99 16.47
N ASP B 602 27.17 19.34 16.53
CA ASP B 602 26.96 18.27 17.49
C ASP B 602 27.36 16.96 16.84
N GLN B 603 28.53 16.45 17.21
CA GLN B 603 29.12 15.25 16.63
C GLN B 603 29.20 15.36 15.12
N ALA B 604 29.66 16.53 14.66
CA ALA B 604 29.71 16.81 13.23
C ALA B 604 30.76 15.97 12.52
N THR B 605 31.71 15.40 13.26
CA THR B 605 32.79 14.65 12.64
C THR B 605 32.59 13.14 12.75
N SER B 606 31.43 12.67 13.21
CA SER B 606 31.22 11.25 13.49
C SER B 606 31.02 10.49 12.18
N ALA B 607 32.13 10.05 11.60
CA ALA B 607 32.13 9.16 10.44
C ALA B 607 33.34 8.24 10.49
N LEU B 608 33.63 7.60 9.36
CA LEU B 608 34.64 6.54 9.33
C LEU B 608 36.06 7.08 9.22
N ASP B 609 36.37 7.76 8.11
CA ASP B 609 37.75 8.09 7.77
C ASP B 609 38.21 9.33 8.52
N THR B 610 39.33 9.92 8.09
CA THR B 610 39.90 11.09 8.73
C THR B 610 40.24 12.22 7.75
N HIS B 611 40.74 11.91 6.55
CA HIS B 611 41.20 12.96 5.65
C HIS B 611 40.06 13.81 5.12
N THR B 612 38.94 13.19 4.75
CA THR B 612 37.74 13.96 4.45
C THR B 612 37.25 14.69 5.69
N GLU B 613 37.36 14.03 6.85
CA GLU B 613 37.00 14.67 8.10
C GLU B 613 37.89 15.86 8.39
N GLN B 614 39.21 15.74 8.18
CA GLN B 614 40.06 16.88 8.46
C GLN B 614 39.87 18.00 7.43
N ALA B 615 39.50 17.64 6.19
CA ALA B 615 39.17 18.66 5.21
C ALA B 615 37.92 19.43 5.63
N LEU B 616 36.87 18.72 6.04
CA LEU B 616 35.63 19.40 6.44
C LEU B 616 35.81 20.15 7.76
N MET B 617 36.60 19.62 8.69
CA MET B 617 37.00 20.37 9.88
C MET B 617 37.68 21.68 9.53
N ALA B 618 38.66 21.64 8.61
CA ALA B 618 39.29 22.88 8.18
C ALA B 618 38.26 23.82 7.59
N ASN B 619 37.43 23.31 6.68
CA ASN B 619 36.44 24.11 5.97
C ASN B 619 35.53 24.85 6.95
N ILE B 620 34.94 24.10 7.89
CA ILE B 620 34.09 24.72 8.87
C ILE B 620 34.90 25.64 9.78
N ASN B 621 36.20 25.41 9.93
CA ASN B 621 36.99 26.34 10.73
C ASN B 621 37.13 27.70 10.05
N GLU B 622 37.63 27.73 8.80
CA GLU B 622 37.74 29.04 8.16
C GLU B 622 36.38 29.69 7.88
N VAL B 623 35.28 28.94 7.89
CA VAL B 623 34.00 29.62 7.72
C VAL B 623 33.37 29.99 9.06
N VAL B 624 33.85 29.43 10.18
CA VAL B 624 33.21 29.70 11.47
C VAL B 624 34.03 30.68 12.30
N LYS B 625 35.28 30.32 12.62
CA LYS B 625 36.15 31.38 13.10
C LYS B 625 36.50 32.28 11.92
N GLU B 626 36.82 33.53 12.24
CA GLU B 626 36.92 34.68 11.33
C GLU B 626 35.54 35.01 10.77
N LYS B 627 34.46 34.59 11.44
CA LYS B 627 33.11 34.97 11.09
C LYS B 627 32.39 35.51 12.33
N LYS B 628 33.10 35.59 13.45
CA LYS B 628 32.72 36.31 14.68
C LYS B 628 31.34 35.89 15.21
N ARG B 629 31.13 34.59 15.29
CA ARG B 629 29.97 34.02 15.96
C ARG B 629 30.45 33.02 17.00
N THR B 630 29.78 33.00 18.15
CA THR B 630 30.08 31.99 19.17
C THR B 630 29.64 30.61 18.71
N ALA B 631 30.53 29.63 18.88
CA ALA B 631 30.38 28.31 18.29
C ALA B 631 30.76 27.24 19.29
N LEU B 632 29.92 26.22 19.42
CA LEU B 632 30.11 25.10 20.33
C LEU B 632 30.27 23.84 19.50
N PHE B 633 31.48 23.30 19.48
CA PHE B 633 31.65 21.97 18.93
C PHE B 633 31.28 20.93 19.97
N VAL B 634 30.89 19.75 19.51
CA VAL B 634 30.65 18.62 20.40
C VAL B 634 31.29 17.41 19.74
N ALA B 635 32.22 16.76 20.43
CA ALA B 635 32.87 15.58 19.89
C ALA B 635 33.38 14.71 21.03
N HIS B 636 33.26 13.40 20.86
CA HIS B 636 33.97 12.45 21.69
C HIS B 636 35.29 12.02 21.06
N ARG B 637 35.60 12.56 19.89
CA ARG B 637 36.89 12.40 19.22
C ARG B 637 37.65 13.71 19.41
N LEU B 638 38.44 13.79 20.47
CA LEU B 638 39.11 15.05 20.79
C LEU B 638 40.43 15.23 20.05
N ARG B 639 40.97 14.17 19.44
CA ARG B 639 42.08 14.35 18.52
C ARG B 639 41.70 15.19 17.30
N THR B 640 40.40 15.34 17.04
CA THR B 640 39.92 16.25 16.02
C THR B 640 39.80 17.68 16.51
N ILE B 641 39.55 17.90 17.80
CA ILE B 641 39.19 19.24 18.25
C ILE B 641 40.21 19.73 19.27
N TYR B 642 41.38 19.07 19.29
CA TYR B 642 42.39 19.39 20.28
C TYR B 642 42.93 20.81 20.13
N ASP B 643 42.83 21.39 18.93
CA ASP B 643 43.31 22.75 18.68
C ASP B 643 42.20 23.78 18.72
N ALA B 644 41.16 23.56 19.52
CA ALA B 644 40.11 24.57 19.63
C ALA B 644 40.53 25.64 20.64
N ASP B 645 39.63 26.60 20.85
CA ASP B 645 39.94 27.75 21.70
C ASP B 645 39.73 27.44 23.18
N LEU B 646 38.54 26.97 23.56
CA LEU B 646 38.25 26.61 24.94
C LEU B 646 37.72 25.19 24.98
N ILE B 647 38.21 24.39 25.94
CA ILE B 647 37.86 22.98 26.04
C ILE B 647 37.24 22.72 27.41
N ILE B 648 36.14 21.95 27.43
CA ILE B 648 35.59 21.42 28.67
C ILE B 648 35.37 19.93 28.51
N VAL B 649 35.42 19.21 29.62
CA VAL B 649 35.29 17.76 29.61
C VAL B 649 34.27 17.35 30.67
N LEU B 650 33.49 16.33 30.34
CA LEU B 650 32.42 15.81 31.18
C LEU B 650 32.67 14.34 31.43
N LYS B 651 32.70 13.96 32.70
CA LYS B 651 32.77 12.56 33.11
C LYS B 651 31.48 12.21 33.83
N GLU B 652 30.77 11.20 33.31
CA GLU B 652 29.64 10.56 34.01
C GLU B 652 28.57 11.56 34.44
N GLY B 653 28.40 12.60 33.64
CA GLY B 653 27.36 13.58 33.89
C GLY B 653 27.78 14.79 34.70
N VAL B 654 29.07 14.98 34.98
CA VAL B 654 29.54 16.18 35.66
C VAL B 654 30.75 16.74 34.91
N VAL B 655 30.81 18.07 34.82
CA VAL B 655 31.97 18.74 34.23
C VAL B 655 33.15 18.61 35.18
N VAL B 656 34.28 18.13 34.67
CA VAL B 656 35.44 17.82 35.50
C VAL B 656 36.56 18.84 35.30
N GLU B 657 37.07 18.95 34.07
CA GLU B 657 38.19 19.83 33.79
C GLU B 657 37.80 20.83 32.72
N GLN B 658 38.30 22.06 32.85
CA GLN B 658 37.97 23.14 31.94
C GLN B 658 39.20 24.01 31.76
N GLY B 659 39.70 24.09 30.54
CA GLY B 659 40.91 24.85 30.28
C GLY B 659 41.43 24.59 28.88
N SER B 660 42.72 24.81 28.69
CA SER B 660 43.36 24.72 27.40
C SER B 660 43.69 23.27 27.05
N HIS B 661 44.46 23.11 25.97
CA HIS B 661 44.83 21.78 25.48
C HIS B 661 45.93 21.15 26.35
N ARG B 662 46.91 21.96 26.77
CA ARG B 662 48.04 21.43 27.52
C ARG B 662 47.60 20.94 28.89
N GLU B 663 46.63 21.62 29.51
CA GLU B 663 46.12 21.16 30.80
C GLU B 663 45.32 19.88 30.65
N LEU B 664 44.64 19.72 29.51
CA LEU B 664 43.97 18.47 29.19
C LEU B 664 44.96 17.34 28.91
N MET B 665 46.19 17.67 28.48
CA MET B 665 47.15 16.66 28.07
C MET B 665 47.55 15.70 29.20
N GLU B 666 47.35 16.07 30.46
CA GLU B 666 47.62 15.10 31.53
C GLU B 666 46.59 13.99 31.54
N ARG B 667 45.38 14.26 31.07
CA ARG B 667 44.37 13.23 30.82
C ARG B 667 44.57 12.74 29.38
N ASP B 668 43.66 11.90 28.88
CA ASP B 668 43.76 11.45 27.51
C ASP B 668 43.53 12.62 26.55
N GLY B 669 43.89 12.39 25.29
CA GLY B 669 43.95 13.43 24.29
C GLY B 669 45.10 13.14 23.36
N VAL B 670 45.95 12.20 23.79
CA VAL B 670 46.97 11.61 22.95
C VAL B 670 46.27 10.65 22.00
N TYR B 671 46.94 10.25 20.92
CA TYR B 671 46.36 9.36 19.93
C TYR B 671 46.40 7.89 20.36
N ALA B 672 46.63 7.63 21.65
CA ALA B 672 46.89 6.27 22.13
C ALA B 672 45.69 5.35 21.99
N GLU B 673 44.51 5.89 21.73
CA GLU B 673 43.31 5.07 21.52
C GLU B 673 43.23 4.50 20.10
N LEU B 674 44.32 4.60 19.32
CA LEU B 674 44.38 4.08 17.96
C LEU B 674 45.08 2.73 17.90
N TRP B 675 44.88 1.89 18.91
CA TRP B 675 45.56 0.59 18.96
C TRP B 675 45.13 -0.31 17.81
N MET B 676 43.84 -0.33 17.50
CA MET B 676 43.30 -1.24 16.49
C MET B 676 43.72 -0.85 15.07
N1 GSH C . -23.54 3.55 -11.78
CA1 GSH C . -22.26 4.22 -11.92
C1 GSH C . -21.73 3.96 -13.32
O11 GSH C . -22.51 3.72 -14.27
O12 GSH C . -20.49 3.99 -13.49
CB1 GSH C . -21.24 3.62 -10.96
CG1 GSH C . -21.90 2.88 -9.81
CD1 GSH C . -20.71 2.32 -9.04
OE1 GSH C . -19.80 1.92 -9.66
N2 GSH C . -20.72 2.29 -7.58
CA2 GSH C . -19.62 1.79 -6.75
C2 GSH C . -18.24 2.27 -7.20
O2 GSH C . -17.37 1.49 -7.40
CB2 GSH C . -19.67 0.27 -6.56
SG2 GSH C . -19.46 -0.73 -8.04
N3 GSH C . -17.97 3.68 -7.36
CA3 GSH C . -16.64 4.10 -7.78
C3 GSH C . -16.75 5.13 -8.89
O31 GSH C . -17.27 4.81 -9.99
O32 GSH C . -16.33 6.31 -8.72
N1 GSH D . -26.00 -4.35 -2.16
CA1 GSH D . -25.05 -5.08 -1.37
C1 GSH D . -25.37 -4.88 0.10
O11 GSH D . -26.56 -4.77 0.49
O12 GSH D . -24.43 -4.82 0.91
CB1 GSH D . -23.66 -4.54 -1.59
CG1 GSH D . -23.55 -3.59 -2.77
CD1 GSH D . -22.08 -3.22 -2.82
OE1 GSH D . -21.45 -3.37 -1.84
N2 GSH D . -21.45 -2.70 -4.03
CA2 GSH D . -20.04 -2.36 -4.11
C2 GSH D . -19.19 -3.59 -3.76
O2 GSH D . -18.83 -4.33 -4.61
CB2 GSH D . -19.66 -1.20 -3.20
SG2 GSH D . -20.97 0.05 -3.21
N3 GSH D . -18.82 -3.82 -2.38
CA3 GSH D . -18.01 -4.97 -2.04
C3 GSH D . -18.75 -5.81 -1.01
O31 GSH D . -19.73 -5.32 -0.38
O32 GSH D . -18.38 -6.99 -0.76
#